data_6WVH
#
_entry.id   6WVH
#
_cell.length_a   42.576
_cell.length_b   82.593
_cell.length_c   78.610
_cell.angle_alpha   93.417
_cell.angle_beta   97.481
_cell.angle_gamma   104.685
#
_symmetry.space_group_name_H-M   'P 1'
#
loop_
_entity.id
_entity.type
_entity.pdbx_description
1 polymer 'Vitamin K epoxide reductase, termini restrained by green fluorescent protein'
2 non-polymer Brodifacoum
3 non-polymer '(2R)-2,3-dihydroxypropyl (9Z)-octadec-9-enoate'
4 water water
#
_entity_poly.entity_id   1
_entity_poly.type   'polypeptide(L)'
_entity_poly.pdbx_seq_one_letter_code
;MSKGEELFTGVVPILVELDGDVNGHKFSVRGEGEGDATNGKLTLKFICTTGKLPVPWPTLVTTL(CRO)VQCFSRYPDHM
KRHDFFKSAMPEGYVQERTISFKDDGTYKTRAEVKFEGDTLVNRIELKGIDFKEDGNILGHKLEYNSTWGSPGWVRLALC
LTGLVLSLYALHVKAARARDRDYRALCDVGTAISCSRVFSSRWGRGFGLVEHVLGQDSILNQSNSIFGCIFYTLQLLLGC
LRTRWASVLMLLSSLVSLAGSVYLAWILFFVLYDFCIVCITTYAINVSLMWLSFRKVQENSHNVYITADKQKNGIKANFK
IRHNVEDGSVQLADHYQQNTPIGDGPVLLPDNHYLSTQSVLSKDPNEKRDHMVLLEFVTAAGITHHHHHHHHHH
;
_entity_poly.pdbx_strand_id   A,B
#
# COMPACT_ATOMS: atom_id res chain seq x y z
N SER A 2 39.07 -28.08 -35.79
CA SER A 2 39.55 -29.19 -34.97
C SER A 2 39.05 -30.51 -35.55
N LYS A 3 39.67 -31.61 -35.15
CA LYS A 3 39.21 -32.92 -35.61
C LYS A 3 37.83 -33.22 -35.03
N GLY A 4 37.59 -32.81 -33.79
CA GLY A 4 36.30 -33.05 -33.17
C GLY A 4 35.14 -32.54 -34.00
N GLU A 5 35.38 -31.52 -34.84
CA GLU A 5 34.29 -30.95 -35.63
C GLU A 5 33.59 -31.99 -36.47
N GLU A 6 34.32 -32.99 -36.96
CA GLU A 6 33.69 -33.98 -37.82
C GLU A 6 32.56 -34.73 -37.11
N LEU A 7 32.59 -34.77 -35.78
CA LEU A 7 31.57 -35.49 -35.05
C LEU A 7 30.22 -34.77 -35.04
N PHE A 8 30.16 -33.53 -35.51
CA PHE A 8 28.95 -32.74 -35.33
C PHE A 8 28.34 -32.25 -36.64
N THR A 9 28.88 -32.65 -37.79
CA THR A 9 28.31 -32.19 -39.06
C THR A 9 27.02 -32.91 -39.42
N GLY A 10 26.72 -34.04 -38.79
CA GLY A 10 25.48 -34.73 -38.98
C GLY A 10 24.55 -34.58 -37.78
N VAL A 11 23.54 -35.45 -37.73
CA VAL A 11 22.61 -35.49 -36.61
C VAL A 11 23.11 -36.54 -35.62
N VAL A 12 23.23 -36.15 -34.35
CA VAL A 12 23.91 -36.96 -33.35
C VAL A 12 22.91 -37.33 -32.27
N PRO A 13 22.78 -38.61 -31.90
CA PRO A 13 21.90 -38.97 -30.78
C PRO A 13 22.46 -38.50 -29.45
N ILE A 14 21.56 -38.08 -28.56
CA ILE A 14 21.91 -37.50 -27.27
C ILE A 14 21.21 -38.28 -26.16
N LEU A 15 21.97 -38.60 -25.11
CA LEU A 15 21.47 -39.15 -23.86
C LEU A 15 21.91 -38.22 -22.73
N VAL A 16 20.94 -37.82 -21.89
CA VAL A 16 21.20 -36.98 -20.73
C VAL A 16 20.73 -37.75 -19.50
N GLU A 17 21.56 -37.80 -18.48
CA GLU A 17 21.22 -38.49 -17.24
C GLU A 17 21.60 -37.58 -16.08
N LEU A 18 20.62 -37.26 -15.23
CA LEU A 18 20.83 -36.35 -14.12
C LEU A 18 20.36 -37.01 -12.84
N ASP A 19 21.21 -37.03 -11.82
CA ASP A 19 20.78 -37.33 -10.47
C ASP A 19 20.89 -36.06 -9.64
N GLY A 20 19.81 -35.70 -8.96
CA GLY A 20 19.74 -34.43 -8.28
C GLY A 20 19.26 -34.62 -6.85
N ASP A 21 19.63 -33.65 -6.02
CA ASP A 21 19.21 -33.59 -4.63
C ASP A 21 19.09 -32.12 -4.28
N VAL A 22 17.86 -31.63 -4.12
CA VAL A 22 17.62 -30.21 -3.82
C VAL A 22 16.93 -30.16 -2.47
N ASN A 23 17.63 -29.61 -1.47
CA ASN A 23 17.13 -29.54 -0.11
C ASN A 23 16.64 -30.91 0.37
N GLY A 24 17.38 -31.96 0.01
CA GLY A 24 17.04 -33.31 0.39
C GLY A 24 15.98 -34.00 -0.45
N HIS A 25 15.37 -33.29 -1.41
CA HIS A 25 14.44 -33.90 -2.33
C HIS A 25 15.26 -34.51 -3.47
N LYS A 26 15.32 -35.83 -3.51
CA LYS A 26 16.12 -36.53 -4.50
C LYS A 26 15.28 -36.86 -5.73
N PHE A 27 15.91 -36.80 -6.90
CA PHE A 27 15.20 -37.06 -8.13
C PHE A 27 16.19 -37.45 -9.22
N SER A 28 15.66 -38.06 -10.27
CA SER A 28 16.46 -38.41 -11.43
C SER A 28 15.72 -37.97 -12.68
N VAL A 29 16.48 -37.51 -13.67
CA VAL A 29 15.95 -37.13 -14.97
C VAL A 29 16.71 -37.90 -16.04
N ARG A 30 15.98 -38.39 -17.05
CA ARG A 30 16.61 -38.91 -18.24
C ARG A 30 16.04 -38.19 -19.45
N GLY A 31 16.92 -37.76 -20.35
CA GLY A 31 16.50 -37.13 -21.58
C GLY A 31 17.13 -37.81 -22.77
N GLU A 32 16.40 -37.81 -23.86
CA GLU A 32 16.93 -38.33 -25.11
C GLU A 32 16.49 -37.47 -26.27
N GLY A 33 17.33 -37.44 -27.29
CA GLY A 33 16.97 -36.69 -28.49
C GLY A 33 18.12 -36.66 -29.47
N GLU A 34 18.23 -35.54 -30.18
CA GLU A 34 19.28 -35.42 -31.17
C GLU A 34 19.73 -33.96 -31.30
N GLY A 35 20.99 -33.83 -31.67
CA GLY A 35 21.61 -32.53 -31.86
C GLY A 35 22.06 -32.38 -33.30
N ASP A 36 21.87 -31.18 -33.84
CA ASP A 36 22.13 -30.84 -35.24
C ASP A 36 22.93 -29.53 -35.19
N ALA A 37 24.24 -29.65 -34.93
CA ALA A 37 25.06 -28.47 -34.73
C ALA A 37 25.15 -27.61 -35.99
N THR A 38 24.99 -28.20 -37.17
CA THR A 38 25.01 -27.43 -38.39
C THR A 38 24.00 -26.29 -38.34
N ASN A 39 22.85 -26.54 -37.71
CA ASN A 39 21.80 -25.55 -37.53
C ASN A 39 21.73 -25.06 -36.09
N GLY A 40 22.67 -25.46 -35.24
CA GLY A 40 22.67 -25.09 -33.84
C GLY A 40 21.44 -25.56 -33.09
N LYS A 41 20.88 -26.70 -33.47
CA LYS A 41 19.56 -27.08 -33.02
C LYS A 41 19.61 -28.32 -32.15
N LEU A 42 18.88 -28.27 -31.04
CA LEU A 42 18.71 -29.41 -30.16
C LEU A 42 17.22 -29.73 -30.07
N THR A 43 16.90 -31.02 -30.10
CA THR A 43 15.55 -31.47 -29.84
C THR A 43 15.62 -32.62 -28.85
N LEU A 44 15.04 -32.42 -27.67
CA LEU A 44 15.15 -33.41 -26.61
C LEU A 44 13.84 -33.50 -25.84
N LYS A 45 13.58 -34.69 -25.32
CA LYS A 45 12.52 -34.89 -24.34
C LYS A 45 13.14 -35.45 -23.07
N PHE A 46 12.78 -34.83 -21.94
CA PHE A 46 13.25 -35.22 -20.63
C PHE A 46 12.08 -35.74 -19.80
N ILE A 47 12.34 -36.80 -19.03
CA ILE A 47 11.38 -37.39 -18.11
C ILE A 47 12.00 -37.37 -16.72
N CYS A 48 11.20 -37.04 -15.71
CA CYS A 48 11.60 -37.32 -14.34
C CYS A 48 11.29 -38.78 -14.07
N THR A 49 12.33 -39.61 -13.97
CA THR A 49 12.12 -41.05 -13.84
C THR A 49 11.65 -41.45 -12.45
N THR A 50 11.86 -40.60 -11.45
CA THR A 50 11.61 -40.96 -10.07
C THR A 50 10.24 -40.54 -9.56
N GLY A 51 9.49 -39.78 -10.35
CA GLY A 51 8.18 -39.30 -9.98
C GLY A 51 7.97 -37.85 -10.36
N LYS A 52 7.52 -37.04 -9.41
CA LYS A 52 7.31 -35.61 -9.65
C LYS A 52 8.62 -34.84 -9.45
N LEU A 53 8.90 -33.92 -10.35
CA LEU A 53 10.11 -33.12 -10.22
C LEU A 53 9.94 -32.10 -9.08
N PRO A 54 10.87 -32.05 -8.12
CA PRO A 54 10.70 -31.17 -6.97
C PRO A 54 11.13 -29.73 -7.21
N VAL A 55 11.61 -29.41 -8.41
CA VAL A 55 11.91 -28.05 -8.82
C VAL A 55 11.22 -27.83 -10.16
N PRO A 56 11.09 -26.58 -10.59
CA PRO A 56 10.46 -26.31 -11.89
C PRO A 56 11.38 -26.73 -13.03
N TRP A 57 10.80 -27.33 -14.06
CA TRP A 57 11.57 -27.70 -15.25
C TRP A 57 12.40 -26.55 -15.81
N PRO A 58 11.90 -25.32 -15.92
CA PRO A 58 12.73 -24.24 -16.47
C PRO A 58 14.05 -24.07 -15.76
N THR A 59 14.13 -24.33 -14.45
CA THR A 59 15.38 -24.13 -13.72
C THR A 59 16.43 -25.18 -14.05
N LEU A 60 16.09 -26.26 -14.76
CA LEU A 60 17.04 -27.31 -15.09
C LEU A 60 17.52 -27.23 -16.53
N VAL A 61 16.98 -26.31 -17.34
CA VAL A 61 17.29 -26.29 -18.77
C VAL A 61 18.79 -26.12 -18.99
N THR A 62 19.42 -25.17 -18.28
CA THR A 62 20.83 -24.90 -18.56
C THR A 62 21.71 -26.04 -18.09
N THR A 63 21.28 -26.77 -17.05
CA THR A 63 22.05 -27.92 -16.58
C THR A 63 21.93 -29.11 -17.54
N LEU A 64 20.71 -29.42 -17.97
CA LEU A 64 20.48 -30.54 -18.85
C LEU A 64 21.08 -30.29 -20.22
N VAL A 66 24.82 -29.17 -23.34
CA VAL A 66 25.59 -29.77 -24.42
C VAL A 66 25.92 -28.71 -25.46
N GLN A 67 26.75 -27.74 -25.05
CA GLN A 67 27.05 -26.58 -25.87
C GLN A 67 27.95 -26.91 -27.05
N CYS A 68 28.43 -28.15 -27.15
CA CYS A 68 29.08 -28.63 -28.37
C CYS A 68 28.12 -28.65 -29.56
N PHE A 69 26.82 -28.53 -29.34
CA PHE A 69 25.87 -28.46 -30.44
C PHE A 69 25.55 -27.01 -30.84
N SER A 70 26.29 -26.03 -30.32
CA SER A 70 26.16 -24.66 -30.78
C SER A 70 26.61 -24.55 -32.23
N ARG A 71 25.97 -23.66 -32.99
CA ARG A 71 26.44 -23.36 -34.34
C ARG A 71 27.45 -22.22 -34.25
N TYR A 72 28.72 -22.54 -34.46
CA TYR A 72 29.76 -21.54 -34.58
C TYR A 72 29.90 -21.11 -36.03
N PRO A 73 29.68 -19.84 -36.37
CA PRO A 73 29.84 -19.41 -37.76
C PRO A 73 31.25 -19.73 -38.24
N ASP A 74 31.44 -19.76 -39.55
CA ASP A 74 32.70 -20.27 -40.07
C ASP A 74 33.88 -19.40 -39.65
N HIS A 75 33.66 -18.08 -39.54
CA HIS A 75 34.77 -17.21 -39.17
C HIS A 75 35.08 -17.31 -37.69
N MET A 76 34.32 -18.09 -36.94
CA MET A 76 34.57 -18.29 -35.52
C MET A 76 34.95 -19.73 -35.22
N LYS A 77 35.26 -20.53 -36.25
CA LYS A 77 35.52 -21.95 -35.98
C LYS A 77 36.71 -22.15 -35.05
N ARG A 78 37.66 -21.20 -35.03
CA ARG A 78 38.84 -21.33 -34.17
C ARG A 78 38.53 -21.15 -32.70
N HIS A 79 37.31 -20.77 -32.33
CA HIS A 79 36.96 -20.45 -30.95
C HIS A 79 35.99 -21.44 -30.34
N ASP A 80 35.77 -22.59 -31.00
CA ASP A 80 34.80 -23.58 -30.55
C ASP A 80 35.54 -24.62 -29.70
N PHE A 81 35.69 -24.29 -28.42
CA PHE A 81 36.32 -25.23 -27.48
C PHE A 81 35.52 -26.53 -27.39
N PHE A 82 34.19 -26.42 -27.32
CA PHE A 82 33.36 -27.57 -26.97
C PHE A 82 33.59 -28.72 -27.94
N LYS A 83 33.59 -28.44 -29.24
CA LYS A 83 33.78 -29.52 -30.21
C LYS A 83 35.22 -30.00 -30.24
N SER A 84 36.18 -29.11 -30.00
CA SER A 84 37.60 -29.50 -30.05
C SER A 84 37.95 -30.52 -28.98
N ALA A 85 37.20 -30.55 -27.89
CA ALA A 85 37.48 -31.49 -26.81
C ALA A 85 36.90 -32.88 -27.05
N MET A 86 36.12 -33.04 -28.10
CA MET A 86 35.49 -34.32 -28.44
C MET A 86 36.43 -35.17 -29.29
N PRO A 87 36.29 -36.51 -29.27
CA PRO A 87 35.25 -37.28 -28.59
C PRO A 87 35.52 -37.55 -27.12
N GLU A 88 36.74 -37.26 -26.66
CA GLU A 88 37.12 -37.58 -25.28
C GLU A 88 36.27 -36.81 -24.27
N GLY A 89 35.86 -35.59 -24.59
CA GLY A 89 34.85 -34.90 -23.84
C GLY A 89 35.40 -33.83 -22.92
N TYR A 90 34.50 -33.27 -22.11
CA TYR A 90 34.87 -32.27 -21.12
C TYR A 90 34.02 -32.44 -19.88
N VAL A 91 34.56 -31.91 -18.77
CA VAL A 91 33.83 -31.78 -17.52
C VAL A 91 33.31 -30.34 -17.46
N GLN A 92 32.02 -30.21 -17.17
CA GLN A 92 31.36 -28.91 -17.05
C GLN A 92 30.81 -28.76 -15.65
N GLU A 93 31.27 -27.72 -14.93
CA GLU A 93 30.85 -27.46 -13.57
C GLU A 93 30.19 -26.09 -13.49
N ARG A 94 29.12 -26.00 -12.71
CA ARG A 94 28.43 -24.72 -12.55
C ARG A 94 28.04 -24.49 -11.10
N THR A 95 27.97 -23.21 -10.75
CA THR A 95 27.20 -22.72 -9.62
C THR A 95 26.11 -21.81 -10.17
N ILE A 96 24.87 -22.09 -9.79
CA ILE A 96 23.71 -21.29 -10.20
C ILE A 96 23.10 -20.71 -8.94
N SER A 97 23.17 -19.40 -8.78
CA SER A 97 22.67 -18.72 -7.59
C SER A 97 21.33 -18.10 -7.92
N PHE A 98 20.27 -18.62 -7.31
CA PHE A 98 18.95 -18.04 -7.50
C PHE A 98 18.77 -16.86 -6.53
N LYS A 99 18.47 -15.68 -7.07
CA LYS A 99 18.43 -14.48 -6.25
C LYS A 99 17.44 -14.62 -5.10
N ASP A 100 17.85 -14.24 -3.91
CA ASP A 100 17.01 -14.32 -2.72
C ASP A 100 16.56 -15.75 -2.44
N ASP A 101 17.30 -16.74 -2.93
CA ASP A 101 16.93 -18.14 -2.74
C ASP A 101 18.18 -19.02 -2.75
N GLY A 102 18.02 -20.30 -3.11
CA GLY A 102 19.08 -21.27 -2.97
C GLY A 102 20.04 -21.29 -4.14
N THR A 103 20.93 -22.30 -4.12
CA THR A 103 21.99 -22.47 -5.11
C THR A 103 22.01 -23.91 -5.62
N TYR A 104 22.24 -24.06 -6.94
CA TYR A 104 22.61 -25.34 -7.54
C TYR A 104 24.12 -25.38 -7.73
N LYS A 105 24.71 -26.54 -7.45
CA LYS A 105 26.07 -26.86 -7.86
C LYS A 105 26.02 -28.12 -8.71
N THR A 106 26.61 -28.06 -9.90
CA THR A 106 26.49 -29.15 -10.86
C THR A 106 27.86 -29.55 -11.35
N ARG A 107 28.04 -30.86 -11.56
CA ARG A 107 29.21 -31.41 -12.22
C ARG A 107 28.73 -32.40 -13.25
N ALA A 108 29.12 -32.21 -14.51
CA ALA A 108 28.70 -33.08 -15.58
C ALA A 108 29.92 -33.50 -16.38
N GLU A 109 29.84 -34.70 -16.94
CA GLU A 109 30.78 -35.16 -17.94
C GLU A 109 30.05 -35.30 -19.27
N VAL A 110 30.60 -34.68 -20.31
CA VAL A 110 30.02 -34.70 -21.64
C VAL A 110 31.03 -35.39 -22.55
N LYS A 111 30.63 -36.51 -23.15
CA LYS A 111 31.56 -37.23 -24.01
C LYS A 111 30.80 -38.23 -24.87
N PHE A 112 31.47 -38.71 -25.91
CA PHE A 112 30.91 -39.75 -26.75
C PHE A 112 31.12 -41.12 -26.14
N GLU A 113 30.06 -41.91 -26.14
CA GLU A 113 30.13 -43.34 -25.83
C GLU A 113 29.54 -44.05 -27.05
N GLY A 114 30.40 -44.77 -27.76
CA GLY A 114 30.02 -45.21 -29.08
C GLY A 114 29.63 -43.98 -29.89
N ASP A 115 28.49 -44.04 -30.53
CA ASP A 115 28.04 -42.93 -31.35
C ASP A 115 27.15 -41.94 -30.61
N THR A 116 26.92 -42.13 -29.31
CA THR A 116 26.00 -41.27 -28.56
C THR A 116 26.76 -40.21 -27.78
N LEU A 117 26.34 -38.96 -27.91
CA LEU A 117 26.83 -37.88 -27.07
C LEU A 117 26.08 -37.95 -25.74
N VAL A 118 26.79 -38.25 -24.66
CA VAL A 118 26.21 -38.48 -23.34
C VAL A 118 26.60 -37.33 -22.43
N ASN A 119 25.61 -36.80 -21.72
CA ASN A 119 25.77 -35.76 -20.70
C ASN A 119 25.31 -36.35 -19.37
N ARG A 120 26.25 -36.68 -18.50
CA ARG A 120 25.93 -37.26 -17.19
C ARG A 120 26.21 -36.24 -16.10
N ILE A 121 25.19 -35.95 -15.28
CA ILE A 121 25.20 -34.78 -14.42
C ILE A 121 24.86 -35.18 -12.99
N GLU A 122 25.58 -34.59 -12.03
CA GLU A 122 25.22 -34.61 -10.62
C GLU A 122 24.90 -33.19 -10.19
N LEU A 123 23.74 -33.01 -9.55
CA LEU A 123 23.24 -31.71 -9.13
C LEU A 123 22.94 -31.74 -7.64
N LYS A 124 23.47 -30.76 -6.91
CA LYS A 124 23.17 -30.56 -5.49
C LYS A 124 22.59 -29.17 -5.32
N GLY A 125 21.40 -29.08 -4.74
CA GLY A 125 20.76 -27.80 -4.45
C GLY A 125 20.65 -27.61 -2.94
N ILE A 126 21.04 -26.42 -2.48
CA ILE A 126 20.98 -26.12 -1.05
C ILE A 126 20.46 -24.72 -0.81
N ASP A 127 19.95 -24.51 0.41
CA ASP A 127 19.45 -23.23 0.91
C ASP A 127 18.25 -22.71 0.13
N PHE A 128 17.44 -23.58 -0.45
CA PHE A 128 16.22 -23.12 -1.07
C PHE A 128 15.12 -22.92 -0.04
N LYS A 129 14.21 -22.00 -0.35
CA LYS A 129 13.10 -21.66 0.52
C LYS A 129 11.88 -22.49 0.10
N GLU A 130 11.30 -23.23 1.04
CA GLU A 130 10.15 -24.07 0.72
C GLU A 130 9.02 -23.24 0.12
N ASP A 131 8.82 -22.02 0.62
CA ASP A 131 7.77 -21.13 0.16
C ASP A 131 8.20 -20.23 -1.01
N GLY A 132 9.40 -20.43 -1.54
CA GLY A 132 9.90 -19.60 -2.61
C GLY A 132 9.43 -20.06 -3.98
N ASN A 133 10.01 -19.41 -5.00
CA ASN A 133 9.59 -19.65 -6.38
C ASN A 133 10.04 -21.00 -6.91
N ILE A 134 11.07 -21.61 -6.33
CA ILE A 134 11.65 -22.84 -6.86
C ILE A 134 10.93 -24.04 -6.26
N LEU A 135 11.14 -24.27 -4.96
CA LEU A 135 10.48 -25.38 -4.28
C LEU A 135 8.97 -25.22 -4.27
N GLY A 136 8.48 -23.97 -4.29
CA GLY A 136 7.05 -23.71 -4.33
C GLY A 136 6.40 -23.77 -5.69
N HIS A 137 7.16 -24.13 -6.73
CA HIS A 137 6.62 -24.31 -8.08
C HIS A 137 5.79 -23.10 -8.53
N LYS A 138 6.42 -21.93 -8.51
CA LYS A 138 5.74 -20.69 -8.87
C LYS A 138 6.23 -20.10 -10.20
N LEU A 139 7.03 -20.84 -10.95
CA LEU A 139 7.56 -20.34 -12.21
C LEU A 139 6.65 -20.72 -13.37
N GLU A 140 6.52 -19.81 -14.33
CA GLU A 140 5.80 -20.09 -15.55
C GLU A 140 6.59 -21.08 -16.41
N TYR A 141 5.90 -22.09 -16.94
CA TYR A 141 6.57 -23.08 -17.79
C TYR A 141 6.87 -22.51 -19.16
N ASN A 142 5.84 -22.02 -19.87
CA ASN A 142 6.06 -21.45 -21.19
C ASN A 142 4.96 -20.45 -21.58
N SER A 143 4.33 -19.81 -20.61
CA SER A 143 3.16 -19.00 -20.92
C SER A 143 3.57 -17.72 -21.66
N THR A 144 2.73 -17.31 -22.59
CA THR A 144 2.95 -16.11 -23.38
C THR A 144 2.26 -14.89 -22.78
N TRP A 145 1.35 -15.10 -21.83
CA TRP A 145 0.68 -14.02 -21.11
C TRP A 145 0.50 -14.45 -19.67
N GLY A 146 0.44 -13.46 -18.79
CA GLY A 146 0.33 -13.77 -17.37
C GLY A 146 0.09 -12.52 -16.55
N SER A 147 0.16 -12.69 -15.24
CA SER A 147 -0.05 -11.60 -14.32
C SER A 147 0.96 -10.48 -14.59
N PRO A 148 0.56 -9.21 -14.44
CA PRO A 148 1.54 -8.13 -14.55
C PRO A 148 2.40 -7.93 -13.33
N GLY A 149 2.02 -8.47 -12.18
CA GLY A 149 2.77 -8.29 -10.96
C GLY A 149 2.21 -7.16 -10.11
N TRP A 150 2.41 -7.30 -8.79
CA TRP A 150 1.83 -6.34 -7.85
C TRP A 150 2.35 -4.93 -8.09
N VAL A 151 3.66 -4.80 -8.35
CA VAL A 151 4.27 -3.49 -8.46
C VAL A 151 3.74 -2.74 -9.67
N ARG A 152 3.82 -3.37 -10.84
CA ARG A 152 3.29 -2.77 -12.06
C ARG A 152 1.80 -2.47 -11.90
N LEU A 153 1.05 -3.38 -11.28
CA LEU A 153 -0.38 -3.16 -11.12
C LEU A 153 -0.65 -1.94 -10.25
N ALA A 154 0.05 -1.82 -9.12
CA ALA A 154 -0.14 -0.67 -8.25
C ALA A 154 0.19 0.63 -8.98
N LEU A 155 1.36 0.68 -9.63
CA LEU A 155 1.76 1.89 -10.34
C LEU A 155 0.75 2.26 -11.41
N CYS A 156 0.36 1.29 -12.24
CA CYS A 156 -0.48 1.59 -13.40
C CYS A 156 -1.90 1.94 -12.98
N LEU A 157 -2.47 1.23 -12.00
CA LEU A 157 -3.82 1.57 -11.56
C LEU A 157 -3.84 2.93 -10.87
N THR A 158 -2.79 3.25 -10.10
CA THR A 158 -2.72 4.58 -9.49
C THR A 158 -2.66 5.65 -10.57
N GLY A 159 -1.78 5.47 -11.56
CA GLY A 159 -1.72 6.42 -12.67
C GLY A 159 -3.04 6.56 -13.41
N LEU A 160 -3.69 5.43 -13.68
CA LEU A 160 -4.98 5.45 -14.37
C LEU A 160 -6.05 6.17 -13.55
N VAL A 161 -6.11 5.87 -12.25
CA VAL A 161 -7.10 6.51 -11.40
C VAL A 161 -6.87 8.02 -11.35
N LEU A 162 -5.62 8.44 -11.20
CA LEU A 162 -5.31 9.87 -11.18
C LEU A 162 -5.67 10.52 -12.52
N SER A 163 -5.39 9.86 -13.64
CA SER A 163 -5.72 10.42 -14.94
C SER A 163 -7.23 10.57 -15.11
N LEU A 164 -7.98 9.53 -14.73
CA LEU A 164 -9.43 9.61 -14.77
C LEU A 164 -9.94 10.75 -13.91
N TYR A 165 -9.36 10.93 -12.72
CA TYR A 165 -9.83 12.01 -11.85
C TYR A 165 -9.48 13.37 -12.43
N ALA A 166 -8.30 13.50 -13.07
CA ALA A 166 -7.95 14.76 -13.71
C ALA A 166 -8.92 15.11 -14.82
N LEU A 167 -9.30 14.12 -15.63
CA LEU A 167 -10.31 14.35 -16.65
C LEU A 167 -11.61 14.84 -16.03
N HIS A 168 -12.06 14.17 -14.96
CA HIS A 168 -13.27 14.57 -14.26
C HIS A 168 -13.15 15.99 -13.72
N VAL A 169 -12.00 16.33 -13.13
CA VAL A 169 -11.80 17.66 -12.55
C VAL A 169 -11.88 18.71 -13.63
N LYS A 170 -11.20 18.49 -14.75
CA LYS A 170 -11.22 19.46 -15.83
C LYS A 170 -12.65 19.72 -16.29
N ALA A 171 -13.44 18.65 -16.47
CA ALA A 171 -14.82 18.86 -16.92
C ALA A 171 -15.65 19.59 -15.87
N ALA A 172 -15.50 19.20 -14.59
CA ALA A 172 -16.31 19.82 -13.54
C ALA A 172 -15.97 21.29 -13.37
N ARG A 173 -14.68 21.64 -13.44
CA ARG A 173 -14.28 23.04 -13.34
C ARG A 173 -14.74 23.82 -14.56
N ALA A 174 -14.76 23.19 -15.74
CA ALA A 174 -15.32 23.86 -16.90
C ALA A 174 -16.80 24.14 -16.71
N ARG A 175 -17.48 23.35 -15.88
CA ARG A 175 -18.90 23.51 -15.66
C ARG A 175 -19.24 24.37 -14.45
N ASP A 176 -18.27 24.72 -13.62
CA ASP A 176 -18.54 25.52 -12.42
C ASP A 176 -17.25 26.17 -11.96
N ARG A 177 -17.20 27.50 -12.02
CA ARG A 177 -16.00 28.23 -11.65
C ARG A 177 -15.60 27.99 -10.20
N ASP A 178 -16.56 27.74 -9.32
CA ASP A 178 -16.30 27.54 -7.91
C ASP A 178 -16.05 26.07 -7.54
N TYR A 179 -15.92 25.18 -8.51
CA TYR A 179 -15.64 23.78 -8.21
C TYR A 179 -14.28 23.66 -7.54
N ARG A 180 -14.22 22.90 -6.45
CA ARG A 180 -12.95 22.62 -5.79
C ARG A 180 -12.70 21.12 -5.77
N ALA A 181 -11.59 20.72 -6.38
CA ALA A 181 -11.18 19.34 -6.49
C ALA A 181 -10.53 18.86 -5.20
N LEU A 182 -10.44 17.53 -5.07
CA LEU A 182 -9.72 16.95 -3.94
C LEU A 182 -8.26 17.40 -3.93
N CYS A 183 -7.67 17.61 -5.11
CA CYS A 183 -6.29 18.08 -5.21
C CYS A 183 -6.18 19.60 -5.28
N ASP A 184 -7.26 20.33 -5.02
CA ASP A 184 -7.17 21.76 -4.80
C ASP A 184 -6.90 21.96 -3.31
N VAL A 185 -5.62 22.13 -2.97
CA VAL A 185 -5.22 22.19 -1.56
C VAL A 185 -5.24 23.63 -1.05
N GLY A 186 -5.21 24.61 -1.95
CA GLY A 186 -5.32 26.01 -1.60
C GLY A 186 -4.14 26.81 -2.11
N THR A 187 -4.23 28.12 -1.90
CA THR A 187 -3.14 29.04 -2.19
C THR A 187 -2.49 28.81 -3.54
N ALA A 188 -1.32 28.19 -3.52
CA ALA A 188 -0.50 27.91 -4.69
C ALA A 188 -0.64 26.47 -5.17
N ILE A 189 -1.63 25.73 -4.66
CA ILE A 189 -1.81 24.33 -5.02
C ILE A 189 -3.25 24.17 -5.52
N SER A 190 -3.43 24.19 -6.85
CA SER A 190 -4.74 24.05 -7.47
C SER A 190 -4.56 23.16 -8.70
N CYS A 191 -4.84 21.85 -8.56
CA CYS A 191 -4.87 20.99 -9.72
C CYS A 191 -5.90 21.46 -10.75
N SER A 192 -7.01 22.05 -10.29
CA SER A 192 -8.00 22.59 -11.22
C SER A 192 -7.36 23.58 -12.19
N ARG A 193 -6.62 24.54 -11.64
CA ARG A 193 -5.95 25.54 -12.48
C ARG A 193 -4.94 24.89 -13.41
N VAL A 194 -4.21 23.90 -12.91
CA VAL A 194 -3.20 23.21 -13.72
C VAL A 194 -3.86 22.53 -14.92
N PHE A 195 -4.84 21.67 -14.65
CA PHE A 195 -5.50 20.94 -15.74
C PHE A 195 -6.20 21.88 -16.71
N SER A 196 -6.65 23.05 -16.23
CA SER A 196 -7.35 23.96 -17.11
C SER A 196 -6.43 24.85 -17.93
N SER A 197 -5.13 24.87 -17.64
CA SER A 197 -4.21 25.70 -18.40
C SER A 197 -3.98 25.08 -19.78
N ARG A 198 -3.47 25.91 -20.72
CA ARG A 198 -3.22 25.39 -22.05
C ARG A 198 -2.20 24.26 -22.04
N TRP A 199 -1.33 24.19 -21.03
CA TRP A 199 -0.40 23.07 -20.97
C TRP A 199 -1.09 21.77 -20.56
N GLY A 200 -2.34 21.84 -20.13
CA GLY A 200 -3.12 20.66 -19.82
C GLY A 200 -3.79 20.01 -21.01
N ARG A 201 -3.64 20.57 -22.21
CA ARG A 201 -4.19 19.99 -23.43
C ARG A 201 -3.08 19.91 -24.46
N GLY A 202 -2.84 18.71 -24.98
CA GLY A 202 -1.72 18.51 -25.90
C GLY A 202 -0.39 18.94 -25.34
N PHE A 203 -0.28 18.97 -24.00
CA PHE A 203 0.94 19.38 -23.31
C PHE A 203 1.35 20.81 -23.64
N GLY A 204 0.41 21.61 -24.15
CA GLY A 204 0.73 22.93 -24.61
C GLY A 204 1.63 22.97 -25.82
N LEU A 205 1.76 21.85 -26.54
CA LEU A 205 2.69 21.72 -27.65
C LEU A 205 2.01 21.29 -28.95
N VAL A 206 0.97 20.46 -28.84
CA VAL A 206 0.37 19.87 -30.03
C VAL A 206 -0.12 20.96 -30.99
N GLU A 207 -0.80 21.98 -30.46
CA GLU A 207 -1.34 23.01 -31.33
C GLU A 207 -0.25 23.66 -32.18
N HIS A 208 0.94 23.84 -31.60
CA HIS A 208 2.09 24.42 -32.29
C HIS A 208 2.75 23.48 -33.29
N VAL A 209 2.22 22.29 -33.57
CA VAL A 209 2.78 21.45 -34.62
C VAL A 209 1.67 20.87 -35.48
N LEU A 210 0.55 20.53 -34.87
CA LEU A 210 -0.59 19.92 -35.55
C LEU A 210 -1.81 20.82 -35.59
N GLY A 211 -1.72 22.02 -35.01
CA GLY A 211 -2.81 22.96 -34.86
C GLY A 211 -3.80 22.54 -33.79
N GLN A 212 -4.74 23.44 -33.46
CA GLN A 212 -5.66 23.19 -32.37
C GLN A 212 -6.85 22.33 -32.76
N ASP A 213 -7.09 22.15 -34.05
CA ASP A 213 -8.16 21.29 -34.55
C ASP A 213 -7.85 19.80 -34.40
N SER A 214 -6.56 19.44 -34.33
CA SER A 214 -6.14 18.05 -34.45
C SER A 214 -6.79 17.15 -33.39
N ILE A 215 -7.07 15.91 -33.80
CA ILE A 215 -7.59 14.90 -32.90
C ILE A 215 -6.55 14.50 -31.86
N LEU A 216 -5.27 14.76 -32.12
CA LEU A 216 -4.20 14.47 -31.18
C LEU A 216 -4.08 15.54 -30.09
N ASN A 217 -4.76 16.68 -30.26
CA ASN A 217 -4.76 17.77 -29.27
C ASN A 217 -5.78 17.46 -28.16
N GLN A 218 -5.51 16.40 -27.42
CA GLN A 218 -6.39 15.94 -26.36
C GLN A 218 -5.86 16.36 -24.99
N SER A 219 -6.77 16.42 -24.02
CA SER A 219 -6.38 16.60 -22.63
C SER A 219 -5.28 15.62 -22.27
N ASN A 220 -4.25 16.13 -21.59
CA ASN A 220 -3.13 15.27 -21.20
C ASN A 220 -3.61 13.99 -20.53
N SER A 221 -4.64 14.09 -19.68
CA SER A 221 -5.09 12.93 -18.93
C SER A 221 -5.67 11.84 -19.83
N ILE A 222 -6.11 12.16 -21.05
CA ILE A 222 -6.50 11.11 -21.99
C ILE A 222 -5.30 10.27 -22.36
N PHE A 223 -4.21 10.92 -22.76
CA PHE A 223 -2.96 10.22 -23.02
C PHE A 223 -2.51 9.47 -21.78
N GLY A 224 -2.72 10.04 -20.60
CA GLY A 224 -2.38 9.35 -19.36
C GLY A 224 -3.14 8.04 -19.21
N CYS A 225 -4.46 8.09 -19.41
CA CYS A 225 -5.26 6.87 -19.37
C CYS A 225 -4.69 5.83 -20.32
N ILE A 226 -4.42 6.24 -21.56
CA ILE A 226 -3.94 5.27 -22.55
C ILE A 226 -2.58 4.72 -22.11
N PHE A 227 -1.69 5.60 -21.63
CA PHE A 227 -0.33 5.18 -21.27
C PHE A 227 -0.35 4.18 -20.12
N TYR A 228 -1.08 4.48 -19.05
CA TYR A 228 -1.08 3.59 -17.91
C TYR A 228 -1.77 2.27 -18.23
N THR A 229 -2.86 2.32 -19.02
CA THR A 229 -3.54 1.09 -19.39
C THR A 229 -2.64 0.21 -20.25
N LEU A 230 -1.93 0.80 -21.21
CA LEU A 230 -1.07 0.01 -22.08
C LEU A 230 0.18 -0.48 -21.34
N GLN A 231 0.73 0.32 -20.41
CA GLN A 231 1.82 -0.18 -19.60
C GLN A 231 1.41 -1.43 -18.82
N LEU A 232 0.18 -1.43 -18.29
CA LEU A 232 -0.28 -2.62 -17.55
C LEU A 232 -0.48 -3.81 -18.49
N LEU A 233 -1.14 -3.58 -19.64
CA LEU A 233 -1.43 -4.69 -20.54
C LEU A 233 -0.16 -5.27 -21.14
N LEU A 234 0.78 -4.40 -21.54
CA LEU A 234 2.07 -4.89 -22.01
C LEU A 234 2.84 -5.58 -20.90
N GLY A 235 2.60 -5.20 -19.63
CA GLY A 235 3.14 -5.98 -18.54
C GLY A 235 2.56 -7.37 -18.43
N CYS A 236 1.41 -7.60 -19.07
CA CYS A 236 0.91 -8.98 -19.13
C CYS A 236 1.54 -9.82 -20.23
N LEU A 237 2.26 -9.24 -21.18
CA LEU A 237 2.84 -10.00 -22.28
C LEU A 237 4.28 -10.41 -21.98
N ARG A 238 4.66 -11.59 -22.48
CA ARG A 238 5.97 -12.16 -22.22
C ARG A 238 6.82 -12.21 -23.48
N THR A 239 6.88 -11.10 -24.22
CA THR A 239 7.61 -11.03 -25.48
C THR A 239 8.56 -9.85 -25.48
N ARG A 240 9.63 -9.97 -26.27
CA ARG A 240 10.62 -8.90 -26.39
C ARG A 240 9.98 -7.58 -26.83
N TRP A 241 9.07 -7.64 -27.81
CA TRP A 241 8.55 -6.40 -28.37
C TRP A 241 7.71 -5.63 -27.36
N ALA A 242 6.98 -6.33 -26.48
CA ALA A 242 6.24 -5.64 -25.43
C ALA A 242 7.19 -4.86 -24.53
N SER A 243 8.36 -5.45 -24.22
CA SER A 243 9.34 -4.76 -23.39
C SER A 243 9.87 -3.52 -24.09
N VAL A 244 10.18 -3.63 -25.38
CA VAL A 244 10.73 -2.46 -26.07
C VAL A 244 9.68 -1.35 -26.14
N LEU A 245 8.42 -1.71 -26.40
CA LEU A 245 7.37 -0.69 -26.41
C LEU A 245 7.24 -0.01 -25.05
N MET A 246 7.24 -0.80 -23.97
CA MET A 246 7.17 -0.20 -22.65
C MET A 246 8.32 0.77 -22.43
N LEU A 247 9.52 0.39 -22.90
CA LEU A 247 10.68 1.25 -22.70
C LEU A 247 10.56 2.57 -23.48
N LEU A 248 10.18 2.49 -24.76
CA LEU A 248 10.07 3.70 -25.57
C LEU A 248 9.00 4.65 -25.01
N SER A 249 7.85 4.09 -24.65
CA SER A 249 6.79 4.93 -24.10
C SER A 249 7.20 5.53 -22.76
N SER A 250 7.95 4.79 -21.94
CA SER A 250 8.47 5.37 -20.71
C SER A 250 9.44 6.51 -20.97
N LEU A 251 10.27 6.38 -22.01
CA LEU A 251 11.17 7.48 -22.36
C LEU A 251 10.38 8.73 -22.71
N VAL A 252 9.33 8.57 -23.52
CA VAL A 252 8.48 9.71 -23.85
C VAL A 252 7.86 10.30 -22.58
N SER A 253 7.34 9.44 -21.69
CA SER A 253 6.74 9.93 -20.47
C SER A 253 7.75 10.70 -19.62
N LEU A 254 9.02 10.28 -19.67
CA LEU A 254 10.07 10.98 -18.95
C LEU A 254 10.26 12.39 -19.48
N ALA A 255 10.45 12.52 -20.79
CA ALA A 255 10.58 13.85 -21.39
C ALA A 255 9.39 14.73 -21.03
N GLY A 256 8.18 14.18 -21.16
CA GLY A 256 6.99 14.97 -20.88
C GLY A 256 6.89 15.38 -19.42
N SER A 257 7.28 14.49 -18.51
CA SER A 257 7.24 14.81 -17.09
C SER A 257 8.21 15.92 -16.75
N VAL A 258 9.41 15.91 -17.33
CA VAL A 258 10.34 16.99 -17.01
C VAL A 258 9.81 18.32 -17.56
N TYR A 259 9.26 18.31 -18.78
CA TYR A 259 8.70 19.55 -19.31
C TYR A 259 7.57 20.06 -18.41
N LEU A 260 6.63 19.19 -18.05
CA LEU A 260 5.49 19.61 -17.25
C LEU A 260 5.93 20.09 -15.86
N ALA A 261 6.92 19.44 -15.26
CA ALA A 261 7.47 19.93 -14.00
C ALA A 261 8.02 21.34 -14.15
N TRP A 262 8.72 21.59 -15.24
CA TRP A 262 9.21 22.94 -15.50
C TRP A 262 8.05 23.94 -15.60
N ILE A 263 6.97 23.55 -16.29
CA ILE A 263 5.78 24.41 -16.34
C ILE A 263 5.27 24.69 -14.94
N LEU A 264 5.13 23.64 -14.13
CA LEU A 264 4.64 23.81 -12.76
C LEU A 264 5.45 24.84 -12.00
N PHE A 265 6.77 24.70 -12.01
CA PHE A 265 7.58 25.46 -11.07
C PHE A 265 8.01 26.83 -11.60
N PHE A 266 8.05 27.02 -12.92
CA PHE A 266 8.53 28.28 -13.48
C PHE A 266 7.50 29.06 -14.28
N VAL A 267 6.33 28.48 -14.56
CA VAL A 267 5.30 29.11 -15.38
C VAL A 267 4.02 29.30 -14.59
N LEU A 268 3.48 28.22 -14.02
CA LEU A 268 2.23 28.25 -13.29
C LEU A 268 2.42 28.58 -11.82
N TYR A 269 3.60 28.30 -11.27
CA TYR A 269 3.88 28.55 -9.85
C TYR A 269 2.92 27.76 -8.97
N ASP A 270 2.85 26.45 -9.23
CA ASP A 270 1.90 25.57 -8.57
C ASP A 270 2.59 24.27 -8.20
N PHE A 271 2.63 23.96 -6.90
CA PHE A 271 3.22 22.71 -6.43
C PHE A 271 2.14 21.63 -6.46
N CYS A 272 1.93 21.08 -7.66
CA CYS A 272 0.82 20.16 -7.92
C CYS A 272 1.22 18.77 -7.44
N ILE A 273 0.66 18.35 -6.29
CA ILE A 273 1.06 17.09 -5.68
C ILE A 273 0.66 15.90 -6.55
N VAL A 274 -0.53 15.92 -7.14
CA VAL A 274 -0.94 14.80 -7.97
C VAL A 274 -0.09 14.73 -9.24
N CYS A 275 0.27 15.89 -9.78
CA CYS A 275 1.19 15.93 -10.91
C CYS A 275 2.52 15.29 -10.55
N ILE A 276 3.09 15.71 -9.42
CA ILE A 276 4.37 15.17 -8.98
C ILE A 276 4.26 13.66 -8.78
N THR A 277 3.10 13.20 -8.29
CA THR A 277 2.89 11.77 -8.12
C THR A 277 2.96 11.04 -9.45
N THR A 278 2.33 11.60 -10.49
CA THR A 278 2.43 10.94 -11.79
C THR A 278 3.88 10.97 -12.30
N TYR A 279 4.63 12.03 -12.00
CA TYR A 279 6.04 12.03 -12.40
C TYR A 279 6.80 10.91 -11.71
N ALA A 280 6.55 10.70 -10.42
CA ALA A 280 7.24 9.64 -9.68
C ALA A 280 6.84 8.27 -10.21
N ILE A 281 5.56 8.08 -10.51
CA ILE A 281 5.10 6.83 -11.13
C ILE A 281 5.81 6.62 -12.47
N ASN A 282 5.98 7.70 -13.24
CA ASN A 282 6.62 7.59 -14.55
C ASN A 282 8.10 7.24 -14.40
N VAL A 283 8.78 7.79 -13.41
CA VAL A 283 10.17 7.39 -13.17
C VAL A 283 10.23 5.92 -12.77
N SER A 284 9.29 5.48 -11.94
CA SER A 284 9.26 4.09 -11.53
C SER A 284 9.08 3.16 -12.73
N LEU A 285 8.12 3.48 -13.60
CA LEU A 285 7.90 2.65 -14.79
C LEU A 285 9.08 2.73 -15.75
N MET A 286 9.73 3.88 -15.85
CA MET A 286 10.93 3.99 -16.66
C MET A 286 11.99 3.02 -16.16
N TRP A 287 12.22 2.99 -14.85
CA TRP A 287 13.23 2.08 -14.30
C TRP A 287 12.82 0.63 -14.52
N LEU A 288 11.53 0.32 -14.39
CA LEU A 288 11.06 -1.05 -14.61
C LEU A 288 11.28 -1.49 -16.05
N SER A 289 10.98 -0.62 -17.02
CA SER A 289 11.14 -1.00 -18.42
C SER A 289 12.61 -1.08 -18.80
N PHE A 290 13.45 -0.24 -18.19
CA PHE A 290 14.89 -0.35 -18.36
C PHE A 290 15.38 -1.71 -17.89
N ARG A 291 15.01 -2.10 -16.66
CA ARG A 291 15.40 -3.40 -16.15
C ARG A 291 14.86 -4.53 -17.03
N LYS A 292 13.62 -4.38 -17.51
CA LYS A 292 13.01 -5.41 -18.33
C LYS A 292 13.79 -5.61 -19.62
N VAL A 293 14.12 -4.52 -20.31
CA VAL A 293 14.87 -4.62 -21.56
C VAL A 293 16.22 -5.28 -21.29
N GLN A 294 16.90 -4.88 -20.21
CA GLN A 294 18.12 -5.58 -19.84
C GLN A 294 17.88 -7.08 -19.63
N GLU A 295 16.85 -7.40 -18.86
CA GLU A 295 16.63 -8.77 -18.44
C GLU A 295 16.37 -9.69 -19.64
N ASN A 296 16.69 -10.97 -19.45
CA ASN A 296 16.35 -12.05 -20.35
C ASN A 296 17.01 -11.94 -21.73
N SER A 297 18.00 -11.07 -21.89
CA SER A 297 18.84 -11.16 -23.08
C SER A 297 19.74 -12.39 -23.01
N HIS A 298 20.35 -12.59 -21.84
CA HIS A 298 20.92 -13.88 -21.39
C HIS A 298 22.00 -14.46 -22.29
N ASN A 299 22.84 -13.66 -22.94
CA ASN A 299 23.96 -14.25 -23.67
C ASN A 299 24.88 -15.00 -22.71
N VAL A 300 25.43 -16.11 -23.17
CA VAL A 300 26.42 -16.88 -22.41
C VAL A 300 27.81 -16.32 -22.74
N TYR A 301 28.43 -15.62 -21.80
CA TYR A 301 29.70 -14.95 -22.07
C TYR A 301 30.86 -15.90 -21.75
N ILE A 302 31.65 -16.21 -22.78
CA ILE A 302 32.71 -17.21 -22.75
C ILE A 302 34.07 -16.51 -22.85
N THR A 303 35.00 -16.98 -22.00
CA THR A 303 36.39 -16.54 -22.02
C THR A 303 37.27 -17.76 -21.81
N ALA A 304 38.47 -17.69 -22.35
CA ALA A 304 39.41 -18.80 -22.21
C ALA A 304 39.95 -18.85 -20.79
N ASP A 305 40.13 -20.06 -20.26
CA ASP A 305 40.76 -20.30 -18.97
C ASP A 305 42.00 -21.15 -19.26
N LYS A 306 43.11 -20.47 -19.54
CA LYS A 306 44.33 -21.18 -19.94
C LYS A 306 44.91 -21.99 -18.79
N GLN A 307 44.67 -21.60 -17.54
CA GLN A 307 45.17 -22.37 -16.41
C GLN A 307 44.54 -23.76 -16.33
N LYS A 308 43.30 -23.91 -16.77
CA LYS A 308 42.63 -25.20 -16.82
C LYS A 308 42.56 -25.76 -18.23
N ASN A 309 43.20 -25.11 -19.20
CA ASN A 309 43.16 -25.55 -20.60
C ASN A 309 41.72 -25.64 -21.10
N GLY A 310 40.88 -24.74 -20.65
CA GLY A 310 39.45 -24.83 -20.92
C GLY A 310 38.83 -23.47 -21.06
N ILE A 311 37.59 -23.36 -20.60
CA ILE A 311 36.89 -22.08 -20.71
C ILE A 311 36.11 -21.83 -19.43
N LYS A 312 35.75 -20.56 -19.24
CA LYS A 312 34.81 -20.18 -18.20
C LYS A 312 33.74 -19.33 -18.84
N ALA A 313 32.59 -19.28 -18.17
CA ALA A 313 31.50 -18.50 -18.71
C ALA A 313 30.64 -17.99 -17.58
N ASN A 314 29.93 -16.91 -17.86
CA ASN A 314 28.97 -16.41 -16.89
C ASN A 314 27.79 -15.82 -17.64
N PHE A 315 26.63 -15.86 -16.98
CA PHE A 315 25.43 -15.33 -17.61
C PHE A 315 24.29 -15.30 -16.61
N LYS A 316 23.24 -14.58 -16.97
CA LYS A 316 22.07 -14.44 -16.11
C LYS A 316 20.84 -14.96 -16.84
N ILE A 317 20.12 -15.86 -16.18
CA ILE A 317 18.85 -16.36 -16.67
C ILE A 317 17.76 -15.66 -15.88
N ARG A 318 16.70 -15.24 -16.56
CA ARG A 318 15.54 -14.68 -15.87
C ARG A 318 14.35 -15.59 -16.10
N HIS A 319 13.82 -16.16 -15.01
CA HIS A 319 12.65 -17.02 -15.07
C HIS A 319 11.40 -16.19 -14.72
N ASN A 320 10.43 -16.18 -15.62
CA ASN A 320 9.16 -15.53 -15.33
C ASN A 320 8.45 -16.28 -14.21
N VAL A 321 7.94 -15.53 -13.24
CA VAL A 321 7.21 -16.04 -12.11
C VAL A 321 5.72 -15.83 -12.35
N GLU A 322 4.90 -16.74 -11.83
CA GLU A 322 3.47 -16.68 -12.10
C GLU A 322 2.82 -15.42 -11.52
N ASP A 323 3.42 -14.81 -10.51
CA ASP A 323 2.86 -13.60 -9.93
C ASP A 323 3.27 -12.34 -10.69
N GLY A 324 3.94 -12.50 -11.83
CA GLY A 324 4.34 -11.38 -12.65
C GLY A 324 5.74 -10.86 -12.37
N SER A 325 6.41 -11.37 -11.34
CA SER A 325 7.77 -10.98 -11.05
C SER A 325 8.74 -11.83 -11.86
N VAL A 326 10.04 -11.62 -11.64
CA VAL A 326 11.09 -12.35 -12.33
C VAL A 326 12.05 -12.92 -11.29
N GLN A 327 12.57 -14.12 -11.56
CA GLN A 327 13.49 -14.81 -10.68
C GLN A 327 14.84 -14.93 -11.38
N LEU A 328 15.85 -14.26 -10.85
CA LEU A 328 17.18 -14.30 -11.44
C LEU A 328 17.91 -15.57 -11.05
N ALA A 329 18.63 -16.15 -12.00
CA ALA A 329 19.51 -17.30 -11.77
C ALA A 329 20.86 -16.92 -12.36
N ASP A 330 21.81 -16.61 -11.49
CA ASP A 330 23.14 -16.16 -11.89
C ASP A 330 24.02 -17.40 -12.08
N HIS A 331 24.50 -17.62 -13.30
CA HIS A 331 25.26 -18.80 -13.67
C HIS A 331 26.75 -18.48 -13.75
N TYR A 332 27.54 -19.29 -13.06
CA TYR A 332 29.00 -19.34 -13.19
C TYR A 332 29.39 -20.73 -13.68
N GLN A 333 30.24 -20.79 -14.71
CA GLN A 333 30.51 -22.02 -15.42
C GLN A 333 32.00 -22.19 -15.68
N GLN A 334 32.47 -23.43 -15.61
CA GLN A 334 33.83 -23.82 -15.96
C GLN A 334 33.79 -25.10 -16.76
N ASN A 335 34.63 -25.18 -17.80
CA ASN A 335 34.76 -26.38 -18.61
C ASN A 335 36.23 -26.72 -18.73
N THR A 336 36.55 -28.02 -18.60
CA THR A 336 37.91 -28.55 -18.64
C THR A 336 37.90 -29.82 -19.47
N PRO A 337 38.87 -29.99 -20.36
CA PRO A 337 38.85 -31.19 -21.22
C PRO A 337 39.12 -32.46 -20.42
N ILE A 338 38.48 -33.55 -20.86
CA ILE A 338 38.75 -34.85 -20.28
C ILE A 338 40.03 -35.44 -20.87
N GLY A 339 40.22 -35.28 -22.17
CA GLY A 339 41.38 -35.84 -22.83
C GLY A 339 42.60 -34.96 -22.70
N ASP A 340 43.71 -35.47 -23.24
CA ASP A 340 45.00 -34.81 -23.13
C ASP A 340 45.46 -34.23 -24.47
N GLY A 341 44.70 -34.43 -25.53
CA GLY A 341 45.02 -33.87 -26.83
C GLY A 341 44.64 -32.41 -26.92
N PRO A 342 45.08 -31.77 -28.00
CA PRO A 342 44.93 -30.31 -28.11
C PRO A 342 43.47 -29.89 -28.20
N VAL A 343 43.19 -28.71 -27.63
CA VAL A 343 41.87 -28.10 -27.68
C VAL A 343 42.04 -26.65 -28.11
N LEU A 344 40.94 -26.04 -28.52
CA LEU A 344 40.93 -24.64 -28.92
C LEU A 344 40.58 -23.79 -27.73
N LEU A 345 41.41 -22.78 -27.47
CA LEU A 345 41.10 -21.81 -26.43
C LEU A 345 40.64 -20.52 -27.08
N PRO A 346 39.40 -20.09 -26.85
CA PRO A 346 38.80 -19.04 -27.66
C PRO A 346 39.13 -17.63 -27.19
N ASP A 347 39.02 -16.69 -28.13
CA ASP A 347 38.87 -15.29 -27.77
C ASP A 347 37.50 -15.07 -27.13
N ASN A 348 37.37 -13.97 -26.40
CA ASN A 348 36.11 -13.66 -25.75
C ASN A 348 34.98 -13.66 -26.78
N HIS A 349 33.89 -14.32 -26.43
CA HIS A 349 32.72 -14.29 -27.33
C HIS A 349 31.51 -14.69 -26.51
N TYR A 350 30.36 -14.86 -27.17
CA TYR A 350 29.19 -15.31 -26.43
C TYR A 350 28.35 -16.23 -27.30
N LEU A 351 27.49 -16.99 -26.62
CA LEU A 351 26.47 -17.80 -27.25
C LEU A 351 25.12 -17.14 -27.06
N SER A 352 24.35 -17.09 -28.15
CA SER A 352 23.00 -16.57 -28.14
C SER A 352 22.06 -17.75 -28.25
N THR A 353 21.21 -17.93 -27.24
CA THR A 353 20.42 -19.13 -27.09
C THR A 353 18.93 -18.78 -27.03
N GLN A 354 18.12 -19.59 -27.69
CA GLN A 354 16.67 -19.50 -27.66
C GLN A 354 16.13 -20.88 -27.30
N SER A 355 15.34 -20.95 -26.23
CA SER A 355 14.77 -22.20 -25.75
C SER A 355 13.26 -22.14 -25.88
N VAL A 356 12.66 -23.23 -26.37
CA VAL A 356 11.22 -23.37 -26.48
C VAL A 356 10.84 -24.63 -25.72
N LEU A 357 10.08 -24.45 -24.64
CA LEU A 357 9.59 -25.53 -23.79
C LEU A 357 8.16 -25.86 -24.17
N SER A 358 7.84 -27.15 -24.21
CA SER A 358 6.51 -27.60 -24.55
C SER A 358 6.23 -28.90 -23.79
N LYS A 359 5.01 -29.40 -23.95
CA LYS A 359 4.57 -30.65 -23.34
C LYS A 359 4.18 -31.65 -24.41
N ASP A 360 4.44 -32.93 -24.11
CA ASP A 360 4.04 -34.05 -24.96
C ASP A 360 2.63 -34.47 -24.57
N PRO A 361 1.62 -34.25 -25.42
CA PRO A 361 0.24 -34.52 -24.98
C PRO A 361 -0.02 -35.97 -24.64
N ASN A 362 0.85 -36.89 -25.05
CA ASN A 362 0.68 -38.31 -24.78
C ASN A 362 1.52 -38.78 -23.61
N GLU A 363 2.23 -37.88 -22.93
CA GLU A 363 3.17 -38.27 -21.89
C GLU A 363 2.53 -38.01 -20.53
N LYS A 364 2.40 -39.07 -19.74
CA LYS A 364 1.81 -38.96 -18.41
C LYS A 364 2.84 -38.70 -17.33
N ARG A 365 4.10 -39.07 -17.55
CA ARG A 365 5.15 -38.75 -16.57
C ARG A 365 5.48 -37.26 -16.60
N ASP A 366 6.00 -36.76 -15.48
CA ASP A 366 6.51 -35.40 -15.44
C ASP A 366 7.65 -35.27 -16.43
N HIS A 367 7.55 -34.29 -17.32
CA HIS A 367 8.44 -34.25 -18.47
C HIS A 367 8.54 -32.83 -19.02
N MET A 368 9.51 -32.65 -19.91
CA MET A 368 9.73 -31.39 -20.62
C MET A 368 10.17 -31.71 -22.04
N VAL A 369 9.52 -31.10 -23.04
CA VAL A 369 10.01 -31.16 -24.41
C VAL A 369 10.75 -29.85 -24.66
N LEU A 370 11.96 -29.94 -25.21
CA LEU A 370 12.83 -28.80 -25.38
C LEU A 370 13.31 -28.74 -26.81
N LEU A 371 13.14 -27.59 -27.43
CA LEU A 371 13.78 -27.27 -28.70
C LEU A 371 14.68 -26.07 -28.45
N GLU A 372 15.90 -26.11 -28.98
CA GLU A 372 16.86 -25.08 -28.62
C GLU A 372 17.67 -24.69 -29.86
N PHE A 373 17.88 -23.39 -30.02
CA PHE A 373 18.73 -22.86 -31.09
C PHE A 373 19.81 -22.00 -30.46
N VAL A 374 21.07 -22.31 -30.78
CA VAL A 374 22.21 -21.61 -30.19
C VAL A 374 23.19 -21.25 -31.30
N THR A 375 23.57 -19.97 -31.36
CA THR A 375 24.57 -19.48 -32.32
C THR A 375 25.66 -18.73 -31.57
N ALA A 376 26.91 -19.00 -31.95
CA ALA A 376 28.01 -18.21 -31.42
C ALA A 376 28.03 -16.84 -32.10
N ALA A 377 28.48 -15.83 -31.35
CA ALA A 377 28.58 -14.47 -31.86
C ALA A 377 29.51 -13.70 -30.93
N GLY A 378 29.59 -12.38 -31.12
CA GLY A 378 30.43 -11.54 -30.29
C GLY A 378 31.81 -11.30 -30.84
N ILE A 379 32.16 -11.90 -31.97
CA ILE A 379 33.41 -11.63 -32.66
C ILE A 379 33.04 -11.16 -34.06
N THR A 380 33.41 -9.93 -34.39
CA THR A 380 33.03 -9.35 -35.66
C THR A 380 33.75 -10.05 -36.81
N HIS A 381 33.02 -10.29 -37.89
CA HIS A 381 33.59 -10.93 -39.07
C HIS A 381 34.04 -9.82 -40.02
N HIS A 382 35.29 -9.40 -39.87
CA HIS A 382 35.80 -8.27 -40.64
C HIS A 382 37.30 -8.42 -40.92
N SER B 2 -26.87 35.37 38.43
CA SER B 2 -27.48 36.45 37.64
C SER B 2 -29.00 36.30 37.58
N LYS B 3 -29.69 37.38 37.21
CA LYS B 3 -31.14 37.33 37.06
C LYS B 3 -31.56 36.43 35.90
N GLY B 4 -30.80 36.46 34.81
CA GLY B 4 -31.17 35.66 33.65
C GLY B 4 -31.35 34.19 33.96
N GLU B 5 -30.57 33.66 34.91
CA GLU B 5 -30.67 32.23 35.22
C GLU B 5 -32.07 31.87 35.68
N GLU B 6 -32.79 32.81 36.30
CA GLU B 6 -34.15 32.52 36.75
C GLU B 6 -35.05 32.09 35.60
N LEU B 7 -34.72 32.49 34.38
CA LEU B 7 -35.54 32.15 33.22
C LEU B 7 -35.38 30.69 32.81
N PHE B 8 -34.43 29.97 33.41
CA PHE B 8 -34.07 28.64 32.94
C PHE B 8 -34.30 27.56 33.99
N THR B 9 -34.96 27.89 35.11
CA THR B 9 -35.18 26.90 36.15
C THR B 9 -36.24 25.88 35.76
N GLY B 10 -37.07 26.18 34.76
CA GLY B 10 -38.06 25.26 34.26
C GLY B 10 -37.70 24.69 32.90
N VAL B 11 -38.71 24.13 32.24
CA VAL B 11 -38.58 23.61 30.89
C VAL B 11 -39.01 24.73 29.93
N VAL B 12 -38.16 25.03 28.96
CA VAL B 12 -38.31 26.21 28.13
C VAL B 12 -38.48 25.75 26.68
N PRO B 13 -39.51 26.22 25.97
CA PRO B 13 -39.64 25.87 24.55
C PRO B 13 -38.57 26.55 23.70
N ILE B 14 -38.12 25.85 22.67
CA ILE B 14 -37.02 26.28 21.82
C ILE B 14 -37.48 26.27 20.36
N LEU B 15 -37.15 27.35 19.64
CA LEU B 15 -37.30 27.46 18.20
C LEU B 15 -35.94 27.79 17.60
N VAL B 16 -35.53 27.04 16.57
CA VAL B 16 -34.29 27.27 15.85
C VAL B 16 -34.64 27.51 14.39
N GLU B 17 -34.07 28.55 13.80
CA GLU B 17 -34.29 28.88 12.40
C GLU B 17 -32.95 29.20 11.78
N LEU B 18 -32.59 28.44 10.75
CA LEU B 18 -31.30 28.59 10.07
C LEU B 18 -31.57 28.76 8.58
N ASP B 19 -31.01 29.80 7.98
CA ASP B 19 -30.92 29.87 6.53
C ASP B 19 -29.44 29.72 6.16
N GLY B 20 -29.16 28.81 5.24
CA GLY B 20 -27.79 28.46 4.91
C GLY B 20 -27.56 28.53 3.42
N ASP B 21 -26.29 28.68 3.08
CA ASP B 21 -25.83 28.69 1.70
C ASP B 21 -24.44 28.07 1.72
N VAL B 22 -24.31 26.87 1.18
CA VAL B 22 -23.03 26.16 1.14
C VAL B 22 -22.68 25.94 -0.31
N ASN B 23 -21.59 26.57 -0.77
CA ASN B 23 -21.18 26.51 -2.17
C ASN B 23 -22.33 26.82 -3.11
N GLY B 24 -23.16 27.81 -2.74
CA GLY B 24 -24.29 28.19 -3.56
C GLY B 24 -25.53 27.33 -3.41
N HIS B 25 -25.47 26.25 -2.64
CA HIS B 25 -26.65 25.43 -2.34
C HIS B 25 -27.38 26.05 -1.16
N LYS B 26 -28.56 26.61 -1.43
CA LYS B 26 -29.33 27.30 -0.41
C LYS B 26 -30.31 26.34 0.25
N PHE B 27 -30.50 26.53 1.55
CA PHE B 27 -31.38 25.62 2.29
C PHE B 27 -31.83 26.31 3.56
N SER B 28 -32.90 25.79 4.13
CA SER B 28 -33.39 26.29 5.41
C SER B 28 -33.68 25.12 6.34
N VAL B 29 -33.42 25.33 7.62
CA VAL B 29 -33.72 24.35 8.65
C VAL B 29 -34.58 25.03 9.71
N ARG B 30 -35.59 24.33 10.18
CA ARG B 30 -36.32 24.74 11.37
C ARG B 30 -36.31 23.61 12.37
N GLY B 31 -36.01 23.94 13.61
CA GLY B 31 -36.03 22.97 14.68
C GLY B 31 -36.90 23.45 15.82
N GLU B 32 -37.53 22.50 16.49
CA GLU B 32 -38.34 22.86 17.64
C GLU B 32 -38.17 21.81 18.72
N GLY B 33 -38.31 22.27 19.96
CA GLY B 33 -38.18 21.34 21.07
C GLY B 33 -38.20 22.04 22.40
N GLU B 34 -37.43 21.51 23.35
CA GLU B 34 -37.43 22.09 24.67
C GLU B 34 -36.07 21.90 25.34
N GLY B 35 -35.75 22.85 26.22
CA GLY B 35 -34.52 22.84 26.96
C GLY B 35 -34.80 22.79 28.45
N ASP B 36 -33.98 22.02 29.17
CA ASP B 36 -34.12 21.71 30.59
C ASP B 36 -32.74 21.96 31.21
N ALA B 37 -32.43 23.25 31.46
CA ALA B 37 -31.09 23.61 31.88
C ALA B 37 -30.73 23.01 33.24
N THR B 38 -31.73 22.75 34.08
CA THR B 38 -31.45 22.14 35.38
C THR B 38 -30.69 20.83 35.22
N ASN B 39 -31.02 20.06 34.18
CA ASN B 39 -30.33 18.81 33.89
C ASN B 39 -29.40 18.94 32.69
N GLY B 40 -29.20 20.16 32.19
CA GLY B 40 -28.36 20.37 31.03
C GLY B 40 -28.84 19.66 29.79
N LYS B 41 -30.15 19.53 29.61
CA LYS B 41 -30.69 18.62 28.61
C LYS B 41 -31.44 19.38 27.52
N LEU B 42 -31.20 19.03 26.26
CA LEU B 42 -31.94 19.55 25.12
C LEU B 42 -32.58 18.41 24.36
N THR B 43 -33.81 18.61 23.92
CA THR B 43 -34.49 17.67 23.04
C THR B 43 -35.12 18.44 21.89
N LEU B 44 -34.67 18.15 20.66
CA LEU B 44 -35.11 18.93 19.52
C LEU B 44 -35.29 18.03 18.31
N LYS B 45 -36.21 18.44 17.43
CA LYS B 45 -36.32 17.85 16.10
C LYS B 45 -36.12 18.94 15.06
N PHE B 46 -35.27 18.67 14.07
CA PHE B 46 -34.96 19.58 12.99
C PHE B 46 -35.43 19.02 11.67
N ILE B 47 -36.01 19.89 10.84
CA ILE B 47 -36.44 19.56 9.49
C ILE B 47 -35.75 20.51 8.53
N CYS B 48 -35.31 19.98 7.39
CA CYS B 48 -34.92 20.81 6.26
C CYS B 48 -36.19 21.21 5.51
N THR B 49 -36.59 22.48 5.64
CA THR B 49 -37.85 22.92 5.07
C THR B 49 -37.79 23.08 3.56
N THR B 50 -36.59 23.18 2.97
CA THR B 50 -36.44 23.48 1.56
C THR B 50 -36.27 22.23 0.70
N GLY B 51 -36.17 21.05 1.31
CA GLY B 51 -36.02 19.83 0.56
C GLY B 51 -34.97 18.94 1.19
N LYS B 52 -34.00 18.51 0.39
CA LYS B 52 -32.89 17.71 0.88
C LYS B 52 -31.78 18.62 1.40
N LEU B 53 -31.22 18.25 2.54
CA LEU B 53 -30.12 19.01 3.11
C LEU B 53 -28.86 18.78 2.27
N PRO B 54 -28.19 19.83 1.79
CA PRO B 54 -27.03 19.65 0.92
C PRO B 54 -25.73 19.37 1.65
N VAL B 55 -25.73 19.32 2.98
CA VAL B 55 -24.58 18.91 3.77
C VAL B 55 -25.06 17.87 4.77
N PRO B 56 -24.16 17.12 5.42
CA PRO B 56 -24.60 16.12 6.40
C PRO B 56 -25.13 16.77 7.68
N TRP B 57 -26.22 16.23 8.20
CA TRP B 57 -26.76 16.74 9.46
C TRP B 57 -25.73 16.87 10.57
N PRO B 58 -24.82 15.90 10.78
CA PRO B 58 -23.84 16.05 11.87
C PRO B 58 -23.04 17.34 11.81
N THR B 59 -22.78 17.88 10.62
CA THR B 59 -21.99 19.10 10.50
C THR B 59 -22.73 20.35 10.95
N LEU B 60 -24.05 20.26 11.16
CA LEU B 60 -24.83 21.42 11.57
C LEU B 60 -25.18 21.41 13.05
N VAL B 61 -24.87 20.33 13.77
CA VAL B 61 -25.30 20.21 15.15
C VAL B 61 -24.79 21.38 15.98
N THR B 62 -23.50 21.71 15.85
CA THR B 62 -22.96 22.76 16.73
C THR B 62 -23.55 24.12 16.38
N THR B 63 -23.92 24.33 15.12
CA THR B 63 -24.55 25.59 14.74
C THR B 63 -25.98 25.68 15.24
N LEU B 64 -26.74 24.59 15.10
CA LEU B 64 -28.14 24.57 15.50
C LEU B 64 -28.29 24.65 17.02
N VAL B 66 -27.50 26.68 21.47
CA VAL B 66 -28.21 27.32 22.59
C VAL B 66 -27.55 26.92 23.90
N GLN B 67 -26.31 27.39 24.08
CA GLN B 67 -25.49 26.98 25.21
C GLN B 67 -25.98 27.56 26.52
N CYS B 68 -27.00 28.43 26.49
CA CYS B 68 -27.68 28.84 27.71
C CYS B 68 -28.41 27.69 28.39
N PHE B 69 -28.59 26.55 27.72
CA PHE B 69 -29.21 25.40 28.36
C PHE B 69 -28.20 24.44 28.96
N SER B 70 -26.92 24.83 28.99
CA SER B 70 -25.91 24.06 29.70
C SER B 70 -26.21 24.04 31.20
N ARG B 71 -25.84 22.95 31.85
CA ARG B 71 -25.88 22.87 33.30
C ARG B 71 -24.55 23.39 33.83
N TYR B 72 -24.58 24.58 34.43
CA TYR B 72 -23.45 25.06 35.19
C TYR B 72 -23.56 24.53 36.61
N PRO B 73 -22.63 23.68 37.05
CA PRO B 73 -22.74 23.10 38.39
C PRO B 73 -22.73 24.18 39.47
N ASP B 74 -23.14 23.77 40.67
CA ASP B 74 -23.42 24.70 41.76
C ASP B 74 -22.20 25.51 42.18
N HIS B 75 -20.99 25.03 41.92
CA HIS B 75 -19.78 25.80 42.22
C HIS B 75 -19.39 26.77 41.11
N MET B 76 -20.08 26.78 39.97
CA MET B 76 -19.71 27.59 38.81
C MET B 76 -20.77 28.60 38.40
N LYS B 77 -21.71 28.95 39.28
CA LYS B 77 -22.78 29.85 38.87
C LYS B 77 -22.24 31.20 38.39
N ARG B 78 -21.09 31.62 38.91
CA ARG B 78 -20.51 32.91 38.53
C ARG B 78 -19.93 32.91 37.12
N HIS B 79 -19.86 31.77 36.43
CA HIS B 79 -19.19 31.70 35.15
C HIS B 79 -20.13 31.45 33.97
N ASP B 80 -21.44 31.55 34.20
CA ASP B 80 -22.43 31.22 33.16
C ASP B 80 -22.80 32.51 32.41
N PHE B 81 -21.98 32.86 31.42
CA PHE B 81 -22.25 34.03 30.61
C PHE B 81 -23.59 33.92 29.89
N PHE B 82 -23.89 32.74 29.35
CA PHE B 82 -25.02 32.60 28.44
C PHE B 82 -26.33 33.01 29.10
N LYS B 83 -26.58 32.52 30.32
CA LYS B 83 -27.83 32.85 30.99
C LYS B 83 -27.85 34.29 31.48
N SER B 84 -26.71 34.83 31.90
CA SER B 84 -26.68 36.20 32.40
C SER B 84 -27.06 37.21 31.32
N ALA B 85 -26.89 36.86 30.05
CA ALA B 85 -27.21 37.75 28.95
C ALA B 85 -28.69 37.76 28.60
N MET B 86 -29.48 36.88 29.18
CA MET B 86 -30.91 36.77 28.91
C MET B 86 -31.69 37.72 29.81
N PRO B 87 -32.90 38.15 29.39
CA PRO B 87 -33.60 37.69 28.19
C PRO B 87 -33.19 38.40 26.90
N GLU B 88 -32.43 39.49 27.02
CA GLU B 88 -32.11 40.27 25.82
C GLU B 88 -31.31 39.45 24.81
N GLY B 89 -30.46 38.54 25.29
CA GLY B 89 -29.84 37.55 24.43
C GLY B 89 -28.40 37.86 24.11
N TYR B 90 -27.85 37.07 23.19
CA TYR B 90 -26.48 37.28 22.73
C TYR B 90 -26.35 36.94 21.26
N VAL B 91 -25.31 37.49 20.66
CA VAL B 91 -24.89 37.16 19.30
C VAL B 91 -23.79 36.11 19.41
N GLN B 92 -23.92 35.04 18.63
CA GLN B 92 -22.93 33.97 18.60
C GLN B 92 -22.41 33.85 17.17
N GLU B 93 -21.12 34.05 16.99
CA GLU B 93 -20.50 33.98 15.67
C GLU B 93 -19.45 32.89 15.70
N ARG B 94 -19.37 32.13 14.61
CA ARG B 94 -18.38 31.07 14.53
C ARG B 94 -17.73 31.03 13.15
N THR B 95 -16.48 30.58 13.14
CA THR B 95 -15.85 30.03 11.95
C THR B 95 -15.51 28.58 12.23
N ILE B 96 -15.97 27.69 11.36
CA ILE B 96 -15.75 26.25 11.48
C ILE B 96 -14.95 25.82 10.26
N SER B 97 -13.72 25.41 10.48
CA SER B 97 -12.82 25.03 9.41
C SER B 97 -12.76 23.52 9.34
N PHE B 98 -13.29 22.95 8.26
CA PHE B 98 -13.21 21.51 8.05
C PHE B 98 -11.87 21.16 7.43
N LYS B 99 -11.13 20.28 8.09
CA LYS B 99 -9.77 19.97 7.65
C LYS B 99 -9.78 19.48 6.21
N ASP B 100 -8.89 20.03 5.38
CA ASP B 100 -8.78 19.68 3.97
C ASP B 100 -10.07 19.92 3.20
N ASP B 101 -10.94 20.80 3.68
CA ASP B 101 -12.21 21.05 3.00
C ASP B 101 -12.59 22.50 3.27
N GLY B 102 -13.89 22.79 3.18
CA GLY B 102 -14.38 24.16 3.22
C GLY B 102 -14.58 24.69 4.63
N THR B 103 -15.19 25.88 4.69
CA THR B 103 -15.41 26.60 5.93
C THR B 103 -16.87 27.02 6.05
N TYR B 104 -17.43 26.89 7.26
CA TYR B 104 -18.68 27.55 7.64
C TYR B 104 -18.37 28.84 8.38
N LYS B 105 -19.14 29.88 8.06
CA LYS B 105 -19.16 31.11 8.84
C LYS B 105 -20.61 31.31 9.29
N THR B 106 -20.81 31.50 10.58
CA THR B 106 -22.16 31.56 11.12
C THR B 106 -22.32 32.80 11.99
N ARG B 107 -23.51 33.38 11.92
CA ARG B 107 -23.92 34.45 12.84
C ARG B 107 -25.33 34.14 13.30
N ALA B 108 -25.52 34.06 14.61
CA ALA B 108 -26.82 33.78 15.19
C ALA B 108 -27.15 34.78 16.29
N GLU B 109 -28.44 35.02 16.46
CA GLU B 109 -28.95 35.73 17.62
C GLU B 109 -29.76 34.75 18.45
N VAL B 110 -29.46 34.69 19.74
CA VAL B 110 -30.13 33.82 20.69
C VAL B 110 -30.82 34.71 21.73
N LYS B 111 -32.14 34.62 21.80
CA LYS B 111 -32.86 35.52 22.71
C LYS B 111 -34.28 35.01 22.89
N PHE B 112 -34.95 35.53 23.92
CA PHE B 112 -36.35 35.20 24.13
C PHE B 112 -37.23 36.05 23.22
N GLU B 113 -38.19 35.40 22.59
CA GLU B 113 -39.28 36.06 21.88
C GLU B 113 -40.56 35.50 22.48
N GLY B 114 -41.32 36.36 23.16
CA GLY B 114 -42.35 35.84 24.03
C GLY B 114 -41.72 34.89 25.01
N ASP B 115 -42.30 33.71 25.14
CA ASP B 115 -41.80 32.70 26.06
C ASP B 115 -40.85 31.71 25.40
N THR B 116 -40.51 31.91 24.12
CA THR B 116 -39.69 30.94 23.41
C THR B 116 -38.25 31.41 23.36
N LEU B 117 -37.32 30.51 23.66
CA LEU B 117 -35.90 30.78 23.42
C LEU B 117 -35.63 30.51 21.95
N VAL B 118 -35.28 31.54 21.19
CA VAL B 118 -35.14 31.47 19.74
C VAL B 118 -33.67 31.59 19.37
N ASN B 119 -33.22 30.72 18.48
CA ASN B 119 -31.87 30.73 17.91
C ASN B 119 -32.03 30.93 16.40
N ARG B 120 -31.75 32.15 15.93
CA ARG B 120 -31.86 32.46 14.50
C ARG B 120 -30.47 32.64 13.91
N ILE B 121 -30.19 31.89 12.84
CA ILE B 121 -28.82 31.71 12.34
C ILE B 121 -28.78 32.00 10.86
N GLU B 122 -27.71 32.65 10.43
CA GLU B 122 -27.32 32.70 9.02
C GLU B 122 -25.98 31.98 8.88
N LEU B 123 -25.91 31.06 7.93
CA LEU B 123 -24.73 30.24 7.70
C LEU B 123 -24.29 30.39 6.25
N LYS B 124 -23.01 30.67 6.05
CA LYS B 124 -22.42 30.68 4.73
C LYS B 124 -21.28 29.67 4.70
N GLY B 125 -21.33 28.72 3.76
CA GLY B 125 -20.26 27.76 3.59
C GLY B 125 -19.58 27.98 2.23
N ILE B 126 -18.25 27.99 2.25
CA ILE B 126 -17.50 28.20 1.02
C ILE B 126 -16.29 27.29 0.95
N ASP B 127 -15.82 27.09 -0.29
CA ASP B 127 -14.61 26.32 -0.61
C ASP B 127 -14.73 24.85 -0.24
N PHE B 128 -15.95 24.30 -0.25
CA PHE B 128 -16.11 22.87 -0.05
C PHE B 128 -15.83 22.10 -1.33
N LYS B 129 -15.39 20.85 -1.16
CA LYS B 129 -15.06 19.97 -2.26
C LYS B 129 -16.27 19.10 -2.60
N GLU B 130 -16.71 19.16 -3.86
CA GLU B 130 -17.85 18.38 -4.29
C GLU B 130 -17.65 16.89 -4.01
N ASP B 131 -16.43 16.39 -4.22
CA ASP B 131 -16.11 14.99 -4.00
C ASP B 131 -15.68 14.69 -2.57
N GLY B 132 -15.73 15.67 -1.69
CA GLY B 132 -15.30 15.50 -0.32
C GLY B 132 -16.37 14.90 0.58
N ASN B 133 -16.05 14.87 1.88
CA ASN B 133 -16.90 14.22 2.86
C ASN B 133 -18.18 14.99 3.16
N ILE B 134 -18.20 16.29 2.89
CA ILE B 134 -19.33 17.13 3.27
C ILE B 134 -20.34 17.16 2.12
N LEU B 135 -19.98 17.82 1.01
CA LEU B 135 -20.90 17.86 -0.12
C LEU B 135 -21.17 16.48 -0.67
N GLY B 136 -20.22 15.55 -0.52
CA GLY B 136 -20.40 14.19 -0.97
C GLY B 136 -21.13 13.28 0.00
N HIS B 137 -21.62 13.81 1.12
CA HIS B 137 -22.44 13.07 2.06
C HIS B 137 -21.78 11.74 2.44
N LYS B 138 -20.56 11.82 2.96
CA LYS B 138 -19.80 10.63 3.33
C LYS B 138 -19.65 10.46 4.84
N LEU B 139 -20.34 11.25 5.64
CA LEU B 139 -20.23 11.16 7.10
C LEU B 139 -21.25 10.19 7.66
N GLU B 140 -20.84 9.47 8.70
CA GLU B 140 -21.77 8.60 9.42
C GLU B 140 -22.75 9.44 10.24
N TYR B 141 -24.04 9.06 10.17
CA TYR B 141 -25.05 9.77 10.93
C TYR B 141 -25.00 9.39 12.41
N ASN B 142 -25.13 8.11 12.71
CA ASN B 142 -25.09 7.67 14.11
C ASN B 142 -24.70 6.20 14.26
N SER B 143 -23.98 5.65 13.29
CA SER B 143 -23.74 4.21 13.31
C SER B 143 -22.78 3.85 14.44
N THR B 144 -23.01 2.68 15.04
CA THR B 144 -22.19 2.19 16.13
C THR B 144 -21.06 1.30 15.65
N TRP B 145 -21.13 0.83 14.40
CA TRP B 145 -20.06 0.05 13.80
C TRP B 145 -19.91 0.49 12.36
N GLY B 146 -18.73 0.28 11.81
CA GLY B 146 -18.46 0.71 10.45
C GLY B 146 -17.11 0.20 9.99
N SER B 147 -16.70 0.70 8.83
CA SER B 147 -15.40 0.33 8.29
C SER B 147 -14.29 0.71 9.27
N PRO B 148 -13.21 -0.08 9.32
CA PRO B 148 -12.06 0.32 10.15
C PRO B 148 -11.17 1.36 9.49
N GLY B 149 -11.28 1.57 8.19
CA GLY B 149 -10.44 2.53 7.49
C GLY B 149 -9.25 1.86 6.82
N TRP B 150 -8.81 2.46 5.71
CA TRP B 150 -7.76 1.84 4.91
C TRP B 150 -6.46 1.71 5.70
N VAL B 151 -6.10 2.74 6.47
CA VAL B 151 -4.81 2.71 7.17
C VAL B 151 -4.79 1.59 8.21
N ARG B 152 -5.80 1.60 9.10
CA ARG B 152 -5.91 0.52 10.09
C ARG B 152 -5.96 -0.84 9.41
N LEU B 153 -6.70 -0.96 8.32
CA LEU B 153 -6.81 -2.24 7.64
C LEU B 153 -5.45 -2.72 7.13
N ALA B 154 -4.71 -1.83 6.48
CA ALA B 154 -3.40 -2.21 5.96
C ALA B 154 -2.49 -2.65 7.10
N LEU B 155 -2.39 -1.83 8.15
CA LEU B 155 -1.51 -2.15 9.27
C LEU B 155 -1.87 -3.50 9.89
N CYS B 156 -3.17 -3.68 10.21
CA CYS B 156 -3.60 -4.86 10.95
C CYS B 156 -3.54 -6.12 10.10
N LEU B 157 -3.93 -6.05 8.82
CA LEU B 157 -3.84 -7.22 7.98
C LEU B 157 -2.39 -7.59 7.70
N THR B 158 -1.51 -6.60 7.55
CA THR B 158 -0.09 -6.91 7.41
C THR B 158 0.45 -7.60 8.66
N GLY B 159 0.13 -7.05 9.83
CA GLY B 159 0.54 -7.70 11.08
C GLY B 159 0.01 -9.12 11.21
N LEU B 160 -1.27 -9.32 10.86
CA LEU B 160 -1.86 -10.65 10.92
C LEU B 160 -1.17 -11.61 9.96
N VAL B 161 -0.94 -11.18 8.71
CA VAL B 161 -0.30 -12.06 7.74
C VAL B 161 1.11 -12.42 8.21
N LEU B 162 1.85 -11.44 8.73
CA LEU B 162 3.19 -11.74 9.25
C LEU B 162 3.13 -12.70 10.43
N SER B 163 2.17 -12.52 11.33
CA SER B 163 2.05 -13.42 12.48
C SER B 163 1.73 -14.85 12.04
N LEU B 164 0.76 -15.00 11.14
CA LEU B 164 0.44 -16.32 10.60
C LEU B 164 1.64 -16.95 9.92
N TYR B 165 2.41 -16.16 9.16
CA TYR B 165 3.58 -16.74 8.51
C TYR B 165 4.64 -17.13 9.53
N ALA B 166 4.81 -16.32 10.59
CA ALA B 166 5.76 -16.69 11.64
C ALA B 166 5.38 -18.00 12.31
N LEU B 167 4.09 -18.19 12.58
CA LEU B 167 3.61 -19.47 13.11
C LEU B 167 3.97 -20.61 12.17
N HIS B 168 3.69 -20.42 10.88
CA HIS B 168 4.00 -21.43 9.87
C HIS B 168 5.50 -21.74 9.86
N VAL B 169 6.33 -20.71 9.94
CA VAL B 169 7.78 -20.88 9.91
C VAL B 169 8.25 -21.67 11.11
N LYS B 170 7.74 -21.33 12.30
CA LYS B 170 8.16 -22.03 13.51
C LYS B 170 7.87 -23.52 13.38
N ALA B 171 6.67 -23.87 12.91
CA ALA B 171 6.34 -25.29 12.78
C ALA B 171 7.22 -25.97 11.72
N ALA B 172 7.41 -25.31 10.56
CA ALA B 172 8.16 -25.93 9.48
C ALA B 172 9.63 -26.13 9.88
N ARG B 173 10.21 -25.15 10.58
CA ARG B 173 11.57 -25.29 11.06
C ARG B 173 11.67 -26.37 12.13
N ALA B 174 10.65 -26.53 12.97
CA ALA B 174 10.68 -27.63 13.92
C ALA B 174 10.68 -28.98 13.20
N ARG B 175 10.14 -29.02 11.98
CA ARG B 175 10.08 -30.28 11.25
C ARG B 175 11.26 -30.49 10.29
N ASP B 176 12.12 -29.49 10.10
CA ASP B 176 13.22 -29.63 9.14
C ASP B 176 14.32 -28.63 9.48
N ARG B 177 15.47 -29.15 9.91
CA ARG B 177 16.59 -28.30 10.29
C ARG B 177 17.06 -27.43 9.14
N ASP B 178 16.93 -27.90 7.91
CA ASP B 178 17.39 -27.17 6.73
C ASP B 178 16.32 -26.25 6.15
N TYR B 179 15.20 -26.08 6.85
CA TYR B 179 14.13 -25.22 6.35
C TYR B 179 14.62 -23.78 6.27
N ARG B 180 14.32 -23.11 5.15
CA ARG B 180 14.62 -21.70 4.96
C ARG B 180 13.34 -20.93 4.68
N ALA B 181 13.03 -19.98 5.56
CA ALA B 181 11.84 -19.16 5.42
C ALA B 181 12.05 -18.03 4.43
N LEU B 182 10.93 -17.45 3.98
CA LEU B 182 11.01 -16.26 3.15
C LEU B 182 11.71 -15.11 3.85
N CYS B 183 11.58 -15.03 5.18
CA CYS B 183 12.24 -13.97 5.93
C CYS B 183 13.63 -14.35 6.43
N ASP B 184 14.19 -15.46 5.95
CA ASP B 184 15.59 -15.79 6.18
C ASP B 184 16.40 -15.18 5.05
N VAL B 185 16.98 -14.00 5.28
CA VAL B 185 17.70 -13.27 4.25
C VAL B 185 19.18 -13.59 4.36
N GLY B 186 19.80 -13.97 3.25
CA GLY B 186 21.22 -14.24 3.31
C GLY B 186 21.50 -15.34 4.31
N THR B 187 22.60 -15.18 5.06
CA THR B 187 22.91 -16.11 6.14
C THR B 187 22.98 -15.49 7.52
N ALA B 188 23.00 -14.16 7.65
CA ALA B 188 23.09 -13.52 8.95
C ALA B 188 21.76 -12.99 9.46
N ILE B 189 20.67 -13.24 8.72
CA ILE B 189 19.33 -12.82 9.09
C ILE B 189 18.44 -14.05 8.97
N SER B 190 18.01 -14.59 10.11
CA SER B 190 17.21 -15.81 10.14
C SER B 190 16.03 -15.60 11.08
N CYS B 191 14.87 -15.23 10.51
CA CYS B 191 13.65 -15.26 11.30
C CYS B 191 13.38 -16.66 11.82
N SER B 192 13.81 -17.68 11.07
CA SER B 192 13.69 -19.07 11.53
C SER B 192 14.33 -19.27 12.89
N ARG B 193 15.60 -18.83 13.02
CA ARG B 193 16.29 -18.98 14.29
C ARG B 193 15.59 -18.18 15.40
N VAL B 194 15.13 -16.97 15.07
CA VAL B 194 14.46 -16.13 16.06
C VAL B 194 13.22 -16.85 16.60
N PHE B 195 12.32 -17.22 15.69
CA PHE B 195 11.07 -17.85 16.11
C PHE B 195 11.31 -19.16 16.84
N SER B 196 12.38 -19.88 16.50
CA SER B 196 12.60 -21.16 17.17
C SER B 196 13.34 -21.01 18.49
N SER B 197 13.80 -19.81 18.84
CA SER B 197 14.50 -19.61 20.11
C SER B 197 13.50 -19.64 21.26
N ARG B 198 14.00 -19.82 22.48
CA ARG B 198 13.08 -19.87 23.62
C ARG B 198 12.31 -18.56 23.76
N TRP B 199 12.85 -17.45 23.27
CA TRP B 199 12.14 -16.18 23.32
C TRP B 199 11.01 -16.07 22.32
N GLY B 200 10.89 -17.01 21.39
CA GLY B 200 9.77 -17.01 20.47
C GLY B 200 8.51 -17.65 20.98
N ARG B 201 8.54 -18.17 22.21
CA ARG B 201 7.38 -18.78 22.85
C ARG B 201 7.18 -18.12 24.20
N GLY B 202 5.99 -17.57 24.43
CA GLY B 202 5.71 -16.87 25.66
C GLY B 202 6.69 -15.74 25.93
N PHE B 203 7.30 -15.23 24.86
CA PHE B 203 8.26 -14.14 24.95
C PHE B 203 9.49 -14.52 25.77
N GLY B 204 9.72 -15.81 25.97
CA GLY B 204 10.77 -16.26 26.86
C GLY B 204 10.54 -15.92 28.32
N LEU B 205 9.31 -15.61 28.70
CA LEU B 205 8.98 -15.19 30.06
C LEU B 205 7.90 -16.03 30.71
N VAL B 206 6.90 -16.46 29.95
CA VAL B 206 5.80 -17.24 30.51
C VAL B 206 6.31 -18.52 31.14
N GLU B 207 7.24 -19.20 30.45
CA GLU B 207 7.72 -20.50 30.90
C GLU B 207 8.15 -20.48 32.36
N HIS B 208 8.71 -19.37 32.82
CA HIS B 208 9.14 -19.29 34.20
C HIS B 208 7.98 -19.17 35.18
N VAL B 209 6.73 -19.23 34.70
CA VAL B 209 5.56 -19.39 35.55
C VAL B 209 4.58 -20.37 34.91
N LEU B 210 4.64 -21.63 35.35
CA LEU B 210 3.83 -22.77 34.91
C LEU B 210 4.56 -23.59 33.85
N GLY B 211 5.68 -23.09 33.34
CA GLY B 211 6.37 -23.84 32.31
C GLY B 211 5.53 -23.90 31.04
N GLN B 212 6.04 -24.64 30.07
CA GLN B 212 5.31 -24.74 28.81
C GLN B 212 4.06 -25.60 28.92
N ASP B 213 3.76 -26.19 30.08
CA ASP B 213 2.43 -26.78 30.24
C ASP B 213 1.37 -25.70 30.17
N SER B 214 1.72 -24.48 30.56
CA SER B 214 0.75 -23.41 30.70
C SER B 214 0.08 -23.11 29.36
N ILE B 215 -1.21 -22.81 29.42
CA ILE B 215 -1.94 -22.43 28.21
C ILE B 215 -1.46 -21.06 27.70
N LEU B 216 -0.84 -20.27 28.57
CA LEU B 216 -0.30 -18.98 28.16
C LEU B 216 1.05 -19.06 27.46
N ASN B 217 1.74 -20.19 27.53
CA ASN B 217 3.04 -20.32 26.88
C ASN B 217 2.85 -20.67 25.40
N GLN B 218 2.26 -19.73 24.67
CA GLN B 218 2.01 -19.91 23.26
C GLN B 218 3.11 -19.19 22.46
N SER B 219 3.31 -19.64 21.23
CA SER B 219 4.18 -18.92 20.32
C SER B 219 3.78 -17.46 20.27
N ASN B 220 4.79 -16.58 20.31
CA ASN B 220 4.54 -15.14 20.25
C ASN B 220 3.56 -14.80 19.13
N SER B 221 3.70 -15.45 17.98
CA SER B 221 2.88 -15.12 16.84
C SER B 221 1.40 -15.39 17.09
N ILE B 222 1.06 -16.27 18.03
CA ILE B 222 -0.35 -16.45 18.40
C ILE B 222 -0.89 -15.17 19.04
N PHE B 223 -0.16 -14.65 20.03
CA PHE B 223 -0.53 -13.38 20.63
C PHE B 223 -0.57 -12.27 19.57
N GLY B 224 0.35 -12.33 18.61
CA GLY B 224 0.33 -11.38 17.51
C GLY B 224 -0.96 -11.46 16.70
N CYS B 225 -1.34 -12.67 16.29
CA CYS B 225 -2.59 -12.84 15.55
C CYS B 225 -3.74 -12.24 16.32
N ILE B 226 -3.83 -12.55 17.62
CA ILE B 226 -4.96 -12.03 18.40
C ILE B 226 -4.90 -10.51 18.47
N PHE B 227 -3.71 -9.95 18.67
CA PHE B 227 -3.56 -8.51 18.81
C PHE B 227 -3.99 -7.78 17.54
N TYR B 228 -3.51 -8.23 16.39
CA TYR B 228 -3.84 -7.53 15.15
C TYR B 228 -5.31 -7.70 14.80
N THR B 229 -5.87 -8.89 15.06
CA THR B 229 -7.29 -9.10 14.77
C THR B 229 -8.15 -8.21 15.65
N LEU B 230 -7.82 -8.11 16.95
CA LEU B 230 -8.63 -7.32 17.85
C LEU B 230 -8.45 -5.83 17.60
N GLN B 231 -7.24 -5.39 17.25
CA GLN B 231 -7.05 -4.00 16.86
C GLN B 231 -7.94 -3.64 15.69
N LEU B 232 -8.06 -4.55 14.72
CA LEU B 232 -8.91 -4.26 13.56
C LEU B 232 -10.39 -4.23 13.97
N LEU B 233 -10.82 -5.22 14.75
CA LEU B 233 -12.24 -5.30 15.10
C LEU B 233 -12.65 -4.12 15.97
N LEU B 234 -11.80 -3.74 16.94
CA LEU B 234 -12.09 -2.54 17.73
C LEU B 234 -12.07 -1.29 16.87
N GLY B 235 -11.27 -1.28 15.80
CA GLY B 235 -11.37 -0.18 14.85
C GLY B 235 -12.70 -0.13 14.14
N CYS B 236 -13.46 -1.24 14.15
CA CYS B 236 -14.81 -1.17 13.60
C CYS B 236 -15.84 -0.59 14.56
N LEU B 237 -15.52 -0.44 15.85
CA LEU B 237 -16.49 0.06 16.82
C LEU B 237 -16.37 1.57 16.99
N ARG B 238 -17.50 2.21 17.26
CA ARG B 238 -17.53 3.67 17.37
C ARG B 238 -17.81 4.11 18.80
N THR B 239 -17.11 3.52 19.78
CA THR B 239 -17.31 3.84 21.19
C THR B 239 -15.99 4.19 21.86
N ARG B 240 -16.08 5.00 22.92
CA ARG B 240 -14.89 5.41 23.67
C ARG B 240 -14.13 4.21 24.23
N TRP B 241 -14.84 3.21 24.76
CA TRP B 241 -14.14 2.12 25.43
C TRP B 241 -13.33 1.29 24.44
N ALA B 242 -13.79 1.16 23.20
CA ALA B 242 -12.97 0.49 22.19
C ALA B 242 -11.68 1.26 21.99
N SER B 243 -11.74 2.58 22.02
CA SER B 243 -10.54 3.41 21.90
C SER B 243 -9.59 3.17 23.07
N VAL B 244 -10.13 3.11 24.29
CA VAL B 244 -9.25 2.91 25.45
C VAL B 244 -8.60 1.53 25.39
N LEU B 245 -9.37 0.52 25.00
CA LEU B 245 -8.80 -0.82 24.87
C LEU B 245 -7.68 -0.84 23.83
N MET B 246 -7.92 -0.22 22.66
CA MET B 246 -6.88 -0.14 21.64
C MET B 246 -5.64 0.55 22.19
N LEU B 247 -5.82 1.63 22.95
CA LEU B 247 -4.68 2.37 23.48
C LEU B 247 -3.88 1.53 24.47
N LEU B 248 -4.56 0.88 25.40
CA LEU B 248 -3.87 0.05 26.40
C LEU B 248 -3.13 -1.11 25.74
N SER B 249 -3.78 -1.79 24.80
CA SER B 249 -3.11 -2.91 24.14
C SER B 249 -1.93 -2.42 23.32
N SER B 250 -2.04 -1.23 22.72
CA SER B 250 -0.90 -0.65 22.01
C SER B 250 0.25 -0.34 22.97
N LEU B 251 -0.07 0.15 24.18
CA LEU B 251 0.97 0.39 25.17
C LEU B 251 1.70 -0.90 25.52
N VAL B 252 0.93 -1.99 25.70
CA VAL B 252 1.55 -3.28 25.96
C VAL B 252 2.44 -3.67 24.79
N SER B 253 1.95 -3.50 23.56
CA SER B 253 2.75 -3.84 22.39
C SER B 253 4.02 -3.02 22.33
N LEU B 254 3.98 -1.77 22.79
CA LEU B 254 5.17 -0.94 22.84
C LEU B 254 6.21 -1.52 23.79
N ALA B 255 5.79 -1.81 25.02
CA ALA B 255 6.69 -2.43 25.99
C ALA B 255 7.29 -3.72 25.43
N GLY B 256 6.44 -4.58 24.86
CA GLY B 256 6.89 -5.85 24.34
C GLY B 256 7.84 -5.70 23.15
N SER B 257 7.59 -4.70 22.30
CA SER B 257 8.47 -4.45 21.17
C SER B 257 9.84 -4.02 21.65
N VAL B 258 9.89 -3.17 22.68
CA VAL B 258 11.19 -2.75 23.20
C VAL B 258 11.94 -3.95 23.79
N TYR B 259 11.21 -4.79 24.55
CA TYR B 259 11.83 -6.02 25.09
C TYR B 259 12.39 -6.90 23.98
N LEU B 260 11.58 -7.19 22.97
CA LEU B 260 11.99 -8.09 21.90
C LEU B 260 13.15 -7.52 21.08
N ALA B 261 13.13 -6.21 20.81
CA ALA B 261 14.27 -5.58 20.16
C ALA B 261 15.53 -5.76 20.98
N TRP B 262 15.41 -5.62 22.31
CA TRP B 262 16.57 -5.85 23.16
C TRP B 262 17.08 -7.29 23.01
N ILE B 263 16.15 -8.25 22.97
CA ILE B 263 16.55 -9.65 22.73
C ILE B 263 17.30 -9.78 21.41
N LEU B 264 16.73 -9.22 20.33
CA LEU B 264 17.37 -9.30 19.03
C LEU B 264 18.80 -8.80 19.06
N PHE B 265 19.01 -7.61 19.61
CA PHE B 265 20.29 -6.96 19.44
C PHE B 265 21.31 -7.31 20.52
N PHE B 266 20.88 -7.80 21.69
CA PHE B 266 21.79 -8.10 22.77
C PHE B 266 21.83 -9.57 23.17
N VAL B 267 20.92 -10.40 22.66
CA VAL B 267 20.88 -11.80 23.05
C VAL B 267 21.03 -12.71 21.82
N LEU B 268 20.16 -12.52 20.83
CA LEU B 268 20.16 -13.39 19.65
C LEU B 268 21.11 -12.92 18.55
N TYR B 269 21.41 -11.63 18.49
CA TYR B 269 22.31 -11.07 17.49
C TYR B 269 21.80 -11.33 16.06
N ASP B 270 20.56 -10.90 15.83
CA ASP B 270 19.87 -11.14 14.56
C ASP B 270 19.10 -9.88 14.18
N PHE B 271 19.40 -9.34 13.00
CA PHE B 271 18.70 -8.17 12.46
C PHE B 271 17.44 -8.68 11.76
N CYS B 272 16.42 -8.98 12.55
CA CYS B 272 15.22 -9.65 12.08
C CYS B 272 14.32 -8.61 11.41
N ILE B 273 14.29 -8.64 10.07
CA ILE B 273 13.58 -7.62 9.30
C ILE B 273 12.08 -7.70 9.56
N VAL B 274 11.52 -8.92 9.60
CA VAL B 274 10.08 -9.05 9.84
C VAL B 274 9.72 -8.62 11.27
N CYS B 275 10.59 -8.93 12.23
CA CYS B 275 10.38 -8.46 13.60
C CYS B 275 10.32 -6.94 13.65
N ILE B 276 11.32 -6.30 13.02
CA ILE B 276 11.37 -4.84 13.01
C ILE B 276 10.14 -4.27 12.33
N THR B 277 9.65 -4.95 11.28
CA THR B 277 8.44 -4.48 10.62
C THR B 277 7.26 -4.49 11.59
N THR B 278 7.13 -5.56 12.38
CA THR B 278 6.04 -5.59 13.36
C THR B 278 6.22 -4.50 14.41
N TYR B 279 7.47 -4.17 14.78
CA TYR B 279 7.65 -3.05 15.71
C TYR B 279 7.17 -1.73 15.10
N ALA B 280 7.47 -1.52 13.82
CA ALA B 280 7.03 -0.29 13.16
C ALA B 280 5.52 -0.24 13.06
N ILE B 281 4.89 -1.40 12.78
CA ILE B 281 3.44 -1.48 12.77
C ILE B 281 2.88 -1.15 14.14
N ASN B 282 3.52 -1.65 15.20
CA ASN B 282 3.04 -1.40 16.55
C ASN B 282 3.15 0.07 16.91
N VAL B 283 4.24 0.73 16.52
CA VAL B 283 4.37 2.16 16.78
C VAL B 283 3.29 2.93 16.03
N SER B 284 3.00 2.51 14.79
CA SER B 284 1.95 3.16 14.03
C SER B 284 0.60 3.04 14.73
N LEU B 285 0.27 1.82 15.18
CA LEU B 285 -1.00 1.61 15.87
C LEU B 285 -1.04 2.36 17.19
N MET B 286 0.09 2.44 17.89
CA MET B 286 0.17 3.22 19.11
C MET B 286 -0.17 4.68 18.83
N TRP B 287 0.40 5.24 17.77
CA TRP B 287 0.09 6.63 17.42
C TRP B 287 -1.38 6.78 17.04
N LEU B 288 -1.92 5.80 16.32
CA LEU B 288 -3.34 5.88 15.94
C LEU B 288 -4.25 5.85 17.15
N SER B 289 -3.97 4.97 18.12
CA SER B 289 -4.84 4.88 19.30
C SER B 289 -4.67 6.09 20.21
N PHE B 290 -3.46 6.64 20.29
CA PHE B 290 -3.23 7.89 21.01
C PHE B 290 -4.09 9.01 20.42
N ARG B 291 -4.00 9.17 19.09
CA ARG B 291 -4.81 10.18 18.42
C ARG B 291 -6.30 9.91 18.61
N LYS B 292 -6.71 8.65 18.60
CA LYS B 292 -8.13 8.32 18.76
C LYS B 292 -8.64 8.76 20.13
N VAL B 293 -7.89 8.43 21.19
CA VAL B 293 -8.31 8.81 22.53
C VAL B 293 -8.39 10.33 22.64
N GLN B 294 -7.39 11.04 22.09
CA GLN B 294 -7.51 12.50 22.06
C GLN B 294 -8.78 12.92 21.32
N GLU B 295 -9.03 12.33 20.16
CA GLU B 295 -10.15 12.74 19.32
C GLU B 295 -11.49 12.52 20.00
N ASN B 296 -11.55 11.65 21.02
CA ASN B 296 -12.80 11.51 21.75
C ASN B 296 -13.05 12.62 22.76
N SER B 297 -12.11 13.56 22.90
CA SER B 297 -12.32 14.76 23.72
C SER B 297 -12.72 15.91 22.79
N HIS B 298 -13.91 16.45 23.02
CA HIS B 298 -14.52 17.56 22.29
C HIS B 298 -15.05 18.65 23.23
N ASN B 299 -14.35 18.91 24.33
CA ASN B 299 -14.74 19.98 25.23
C ASN B 299 -14.72 21.34 24.53
N VAL B 300 -15.68 22.18 24.89
CA VAL B 300 -15.73 23.56 24.41
C VAL B 300 -14.95 24.41 25.40
N TYR B 301 -13.78 24.91 25.00
CA TYR B 301 -12.95 25.67 25.92
C TYR B 301 -13.32 27.14 25.84
N ILE B 302 -13.79 27.69 26.98
CA ILE B 302 -14.37 29.02 27.09
C ILE B 302 -13.45 29.93 27.91
N THR B 303 -13.28 31.16 27.41
CA THR B 303 -12.52 32.19 28.08
C THR B 303 -13.26 33.51 27.96
N ALA B 304 -13.04 34.39 28.94
CA ALA B 304 -13.68 35.70 28.92
C ALA B 304 -13.04 36.59 27.86
N ASP B 305 -13.88 37.38 27.18
CA ASP B 305 -13.42 38.38 26.23
C ASP B 305 -13.91 39.71 26.77
N LYS B 306 -13.09 40.34 27.61
CA LYS B 306 -13.50 41.60 28.24
C LYS B 306 -13.61 42.72 27.21
N GLN B 307 -12.87 42.62 26.11
CA GLN B 307 -12.95 43.65 25.08
C GLN B 307 -14.34 43.74 24.45
N LYS B 308 -15.05 42.60 24.35
CA LYS B 308 -16.39 42.57 23.81
C LYS B 308 -17.47 42.36 24.88
N ASN B 309 -17.11 42.39 26.15
CA ASN B 309 -18.06 42.12 27.23
C ASN B 309 -18.73 40.77 27.04
N GLY B 310 -17.98 39.79 26.56
CA GLY B 310 -18.54 38.51 26.18
C GLY B 310 -17.56 37.38 26.41
N ILE B 311 -17.62 36.37 25.55
CA ILE B 311 -16.75 35.21 25.69
C ILE B 311 -16.23 34.78 24.32
N LYS B 312 -15.16 33.99 24.34
CA LYS B 312 -14.69 33.30 23.17
C LYS B 312 -14.51 31.83 23.52
N ALA B 313 -14.52 30.99 22.50
CA ALA B 313 -14.34 29.56 22.73
C ALA B 313 -13.67 28.92 21.53
N ASN B 314 -13.06 27.77 21.79
CA ASN B 314 -12.51 26.99 20.70
C ASN B 314 -12.65 25.51 21.02
N PHE B 315 -12.77 24.71 19.97
CA PHE B 315 -12.88 23.27 20.21
C PHE B 315 -12.82 22.53 18.88
N LYS B 316 -12.58 21.23 18.96
CA LYS B 316 -12.45 20.39 17.77
C LYS B 316 -13.52 19.32 17.80
N ILE B 317 -14.29 19.24 16.71
CA ILE B 317 -15.28 18.19 16.52
C ILE B 317 -14.70 17.17 15.54
N ARG B 318 -14.89 15.89 15.83
CA ARG B 318 -14.49 14.84 14.91
C ARG B 318 -15.73 14.10 14.41
N HIS B 319 -15.98 14.18 13.10
CA HIS B 319 -17.08 13.48 12.46
C HIS B 319 -16.56 12.16 11.90
N ASN B 320 -17.17 11.05 12.30
CA ASN B 320 -16.83 9.76 11.70
C ASN B 320 -17.25 9.74 10.23
N VAL B 321 -16.33 9.25 9.39
CA VAL B 321 -16.54 9.12 7.95
C VAL B 321 -16.84 7.67 7.61
N GLU B 322 -17.66 7.47 6.56
CA GLU B 322 -18.11 6.13 6.21
C GLU B 322 -16.96 5.21 5.79
N ASP B 323 -15.85 5.76 5.33
CA ASP B 323 -14.70 4.95 4.94
C ASP B 323 -13.79 4.63 6.13
N GLY B 324 -14.21 4.95 7.35
CA GLY B 324 -13.45 4.65 8.53
C GLY B 324 -12.49 5.73 8.98
N SER B 325 -12.32 6.80 8.20
CA SER B 325 -11.47 7.90 8.62
C SER B 325 -12.27 8.87 9.47
N VAL B 326 -11.64 9.98 9.85
CA VAL B 326 -12.28 11.01 10.67
C VAL B 326 -12.14 12.35 9.95
N GLN B 327 -13.16 13.19 10.09
CA GLN B 327 -13.20 14.52 9.48
C GLN B 327 -13.18 15.54 10.61
N LEU B 328 -12.10 16.30 10.71
CA LEU B 328 -11.98 17.31 11.75
C LEU B 328 -12.72 18.59 11.36
N ALA B 329 -13.40 19.20 12.33
CA ALA B 329 -14.04 20.50 12.18
C ALA B 329 -13.58 21.36 13.35
N ASP B 330 -12.68 22.31 13.07
CA ASP B 330 -12.12 23.17 14.10
C ASP B 330 -12.99 24.40 14.27
N HIS B 331 -13.52 24.59 15.48
CA HIS B 331 -14.49 25.65 15.79
C HIS B 331 -13.81 26.81 16.52
N TYR B 332 -14.05 28.02 16.01
CA TYR B 332 -13.72 29.27 16.69
C TYR B 332 -15.01 30.04 16.92
N GLN B 333 -15.22 30.51 18.14
CA GLN B 333 -16.50 31.06 18.57
C GLN B 333 -16.31 32.36 19.33
N GLN B 334 -17.23 33.30 19.12
CA GLN B 334 -17.29 34.53 19.89
C GLN B 334 -18.75 34.82 20.23
N ASN B 335 -19.00 35.25 21.46
CA ASN B 335 -20.32 35.63 21.90
C ASN B 335 -20.26 37.01 22.53
N THR B 336 -21.27 37.83 22.21
CA THR B 336 -21.38 39.19 22.73
C THR B 336 -22.84 39.46 23.07
N PRO B 337 -23.09 40.10 24.21
CA PRO B 337 -24.49 40.34 24.62
C PRO B 337 -25.18 41.34 23.71
N ILE B 338 -26.49 41.13 23.52
CA ILE B 338 -27.31 42.06 22.76
C ILE B 338 -27.72 43.24 23.61
N GLY B 339 -28.05 43.00 24.87
CA GLY B 339 -28.48 44.06 25.75
C GLY B 339 -27.31 44.80 26.34
N ASP B 340 -27.64 45.82 27.14
CA ASP B 340 -26.63 46.71 27.70
C ASP B 340 -26.44 46.50 29.20
N GLY B 341 -27.20 45.60 29.81
CA GLY B 341 -27.07 45.34 31.23
C GLY B 341 -25.90 44.44 31.55
N PRO B 342 -25.62 44.30 32.84
CA PRO B 342 -24.43 43.56 33.25
C PRO B 342 -24.54 42.09 32.89
N VAL B 343 -23.40 41.47 32.58
CA VAL B 343 -23.32 40.05 32.31
C VAL B 343 -22.15 39.47 33.11
N LEU B 344 -22.12 38.16 33.19
CA LEU B 344 -21.03 37.46 33.88
C LEU B 344 -19.91 37.16 32.90
N LEU B 345 -18.69 37.55 33.27
CA LEU B 345 -17.50 37.21 32.50
C LEU B 345 -16.74 36.12 33.23
N PRO B 346 -16.60 34.94 32.65
CA PRO B 346 -16.15 33.77 33.39
C PRO B 346 -14.64 33.62 33.47
N ASP B 347 -14.20 32.89 34.50
CA ASP B 347 -12.87 32.31 34.49
C ASP B 347 -12.81 31.20 33.44
N ASN B 348 -11.59 30.87 33.03
CA ASN B 348 -11.39 29.82 32.04
C ASN B 348 -12.10 28.55 32.48
N HIS B 349 -12.86 27.94 31.58
CA HIS B 349 -13.51 26.66 31.91
C HIS B 349 -13.87 25.98 30.60
N TYR B 350 -14.61 24.87 30.69
CA TYR B 350 -15.06 24.22 29.46
C TYR B 350 -16.43 23.62 29.66
N LEU B 351 -17.08 23.35 28.53
CA LEU B 351 -18.34 22.62 28.49
C LEU B 351 -18.08 21.22 27.96
N SER B 352 -18.66 20.22 28.63
CA SER B 352 -18.58 18.82 28.26
C SER B 352 -19.93 18.42 27.70
N THR B 353 -19.94 18.01 26.43
CA THR B 353 -21.17 17.81 25.69
C THR B 353 -21.25 16.40 25.14
N GLN B 354 -22.44 15.81 25.19
CA GLN B 354 -22.72 14.52 24.57
C GLN B 354 -23.96 14.67 23.72
N SER B 355 -23.85 14.33 22.44
CA SER B 355 -24.94 14.45 21.47
C SER B 355 -25.36 13.06 20.98
N VAL B 356 -26.67 12.85 20.91
CA VAL B 356 -27.25 11.60 20.41
C VAL B 356 -28.19 11.95 19.27
N LEU B 357 -27.84 11.52 18.06
CA LEU B 357 -28.63 11.74 16.85
C LEU B 357 -29.46 10.51 16.53
N SER B 358 -30.71 10.75 16.12
CA SER B 358 -31.62 9.67 15.76
C SER B 358 -32.55 10.15 14.65
N LYS B 359 -33.35 9.21 14.17
CA LYS B 359 -34.32 9.44 13.11
C LYS B 359 -35.72 9.17 13.64
N ASP B 360 -36.69 9.95 13.14
CA ASP B 360 -38.09 9.78 13.45
C ASP B 360 -38.71 8.81 12.47
N PRO B 361 -39.10 7.60 12.87
CA PRO B 361 -39.58 6.61 11.88
C PRO B 361 -40.82 7.05 11.14
N ASN B 362 -41.55 8.06 11.63
CA ASN B 362 -42.75 8.55 10.96
C ASN B 362 -42.51 9.81 10.15
N GLU B 363 -41.26 10.24 10.01
CA GLU B 363 -40.95 11.51 9.36
C GLU B 363 -40.41 11.26 7.95
N LYS B 364 -41.08 11.85 6.96
CA LYS B 364 -40.66 11.71 5.56
C LYS B 364 -39.70 12.81 5.11
N ARG B 365 -39.76 13.98 5.73
CA ARG B 365 -38.84 15.05 5.37
C ARG B 365 -37.42 14.72 5.87
N ASP B 366 -36.45 15.32 5.20
CA ASP B 366 -35.08 15.25 5.68
C ASP B 366 -35.00 15.88 7.06
N HIS B 367 -34.48 15.15 8.04
CA HIS B 367 -34.62 15.59 9.42
C HIS B 367 -33.53 15.00 10.29
N MET B 368 -33.45 15.53 11.51
CA MET B 368 -32.56 15.04 12.55
C MET B 368 -33.25 15.17 13.90
N VAL B 369 -33.30 14.10 14.69
CA VAL B 369 -33.72 14.18 16.07
C VAL B 369 -32.46 14.23 16.93
N LEU B 370 -32.42 15.16 17.87
CA LEU B 370 -31.23 15.42 18.65
C LEU B 370 -31.59 15.43 20.13
N LEU B 371 -30.83 14.66 20.89
CA LEU B 371 -30.82 14.74 22.34
C LEU B 371 -29.42 15.15 22.78
N GLU B 372 -29.33 16.09 23.71
CA GLU B 372 -28.02 16.62 24.05
C GLU B 372 -27.92 16.85 25.55
N PHE B 373 -26.76 16.50 26.10
CA PHE B 373 -26.46 16.71 27.52
C PHE B 373 -25.19 17.53 27.62
N VAL B 374 -25.26 18.66 28.33
CA VAL B 374 -24.13 19.57 28.43
C VAL B 374 -23.93 19.98 29.89
N THR B 375 -22.71 19.79 30.39
CA THR B 375 -22.35 20.23 31.74
C THR B 375 -21.05 21.01 31.70
N ALA B 376 -21.02 22.14 32.41
CA ALA B 376 -19.78 22.89 32.57
C ALA B 376 -18.86 22.21 33.56
N ALA B 377 -17.55 22.39 33.36
CA ALA B 377 -16.54 21.82 34.25
C ALA B 377 -15.22 22.55 34.02
N GLY B 378 -14.15 22.02 34.60
CA GLY B 378 -12.83 22.61 34.49
C GLY B 378 -12.42 23.48 35.65
N ILE B 379 -13.29 23.64 36.65
CA ILE B 379 -12.97 24.34 37.88
C ILE B 379 -13.23 23.37 39.03
N THR B 380 -12.23 23.17 39.88
CA THR B 380 -12.35 22.17 40.94
C THR B 380 -13.43 22.56 41.94
N HIS B 381 -14.29 21.60 42.28
CA HIS B 381 -15.31 21.80 43.29
C HIS B 381 -14.89 21.12 44.60
N HIS B 382 -15.68 21.29 45.65
CA HIS B 382 -15.28 20.84 46.97
C HIS B 382 -16.49 20.36 47.76
N HIS B 383 -16.18 19.70 48.89
CA HIS B 383 -17.16 19.34 49.91
C HIS B 383 -18.22 18.40 49.34
N HIS B 384 -17.76 17.37 48.64
CA HIS B 384 -18.64 16.37 48.05
C HIS B 384 -19.53 15.70 49.08
N HIS B 385 -19.08 15.60 50.33
CA HIS B 385 -19.78 14.82 51.33
C HIS B 385 -20.76 15.64 52.16
N HIS B 386 -20.94 16.93 51.85
CA HIS B 386 -21.87 17.75 52.61
C HIS B 386 -22.87 18.49 51.73
N HIS B 387 -22.99 18.09 50.46
CA HIS B 387 -24.07 18.53 49.59
C HIS B 387 -24.11 17.62 48.38
N HIS B 388 -25.28 17.49 47.78
CA HIS B 388 -25.45 16.71 46.56
C HIS B 388 -24.95 17.58 45.41
N HIS B 389 -23.70 17.38 44.99
CA HIS B 389 -23.12 18.23 43.96
C HIS B 389 -23.71 17.90 42.60
N HIS B 390 -24.04 18.93 41.83
CA HIS B 390 -24.46 18.76 40.44
C HIS B 390 -24.56 20.13 39.78
#